data_7AKE
#
_entry.id   7AKE
#
_cell.length_a   58.250
_cell.length_b   84.950
_cell.length_c   84.910
_cell.angle_alpha   90.000
_cell.angle_beta   107.660
_cell.angle_gamma   90.000
#
_symmetry.space_group_name_H-M   'P 1 21 1'
#
loop_
_entity.id
_entity.type
_entity.pdbx_description
1 polymer 'Dual specificity tyrosine-phosphorylation-regulated kinase 1A'
2 non-polymer 4-[3-[(2~{S})-2-(6-bromanylpyridin-2-yl)oxypropyl]-2-methyl-imidazo[4,5-b]pyridin-5-yl]pyridine-2,6-diamine
3 non-polymer 'CHLORIDE ION'
4 water water
#
_entity_poly.entity_id   1
_entity_poly.type   'polypeptide(L)'
_entity_poly.pdbx_seq_one_letter_code
;MGSSHHHHHHSSGLVPRG(SEP)HMIVKNGEKWMDRYEIDSLIGKGSFGQVVKAYDRVEQEWVAIKIIKNKKAFLNQAQI
EVRLLELMNKHDTEMKYYIVHLKRHFMFRNHLCLVFEMLSYNLYDLLRNTNFRGVSLNLTRKFAQQMCTALLFLATPELS
IIHCDLKPENILLCNPKRSAIKIVDFGSSCQLGQRIYQ(PTR)IQSRFYRSPEVLLGMPYDLAIDMWSLGCILVEMHTGE
PLFSGANEVDQMNKIVEVLGIPPAHILDQAPKARKFFEKLPDGTWNLKKTKDGKREYKPPGTRKLHNILGVETGGPGGRR
AGESGHTVADYLKFKDLILRMLDYDPKTRIQPYYALQHSFFKKTADE
;
_entity_poly.pdbx_strand_id   A,B
#
loop_
_chem_comp.id
_chem_comp.type
_chem_comp.name
_chem_comp.formula
CL non-polymer 'CHLORIDE ION' 'Cl -1'
RK8 non-polymer 4-[3-[(2~{S})-2-(6-bromanylpyridin-2-yl)oxypropyl]-2-methyl-imidazo[4,5-b]pyridin-5-yl]pyridine-2,6-diamine 'C20 H20 Br N7 O'
#
# COMPACT_ATOMS: atom_id res chain seq x y z
N VAL A 15 6.53 -20.06 9.07
CA VAL A 15 6.96 -18.64 9.34
C VAL A 15 6.39 -17.71 8.26
N PRO A 16 5.50 -16.76 8.63
CA PRO A 16 4.90 -15.80 7.68
C PRO A 16 5.90 -14.87 6.98
N ARG A 17 5.85 -14.84 5.65
CA ARG A 17 6.76 -14.01 4.79
C ARG A 17 6.06 -12.67 4.52
N GLY A 18 6.53 -11.57 5.14
CA GLY A 18 5.93 -10.24 4.94
C GLY A 18 4.54 -10.16 5.58
N SEP A 19 3.60 -9.50 4.89
CA SEP A 19 2.40 -8.96 5.52
CB SEP A 19 2.22 -7.55 5.04
OG SEP A 19 1.86 -7.63 3.65
C SEP A 19 1.14 -9.81 5.25
O SEP A 19 0.10 -9.59 5.86
P SEP A 19 2.94 -7.16 2.52
O1P SEP A 19 3.45 -5.82 3.00
O2P SEP A 19 2.13 -7.08 1.24
O3P SEP A 19 4.03 -8.22 2.47
N HIS A 20 1.28 -10.76 4.32
CA HIS A 20 0.20 -11.58 3.76
C HIS A 20 -0.26 -12.68 4.74
N MET A 21 -1.54 -12.85 5.06
CA MET A 21 -1.99 -14.11 5.74
C MET A 21 -2.11 -15.17 4.65
N ILE A 22 -1.59 -16.37 4.85
CA ILE A 22 -1.78 -17.43 3.81
C ILE A 22 -3.12 -18.10 4.09
N VAL A 23 -4.08 -17.87 3.21
CA VAL A 23 -5.49 -18.35 3.34
C VAL A 23 -5.59 -19.78 2.80
N LYS A 24 -6.14 -20.70 3.59
CA LYS A 24 -6.37 -22.11 3.17
C LYS A 24 -7.87 -22.39 3.30
N ASN A 25 -8.51 -22.75 2.18
CA ASN A 25 -9.97 -23.05 2.16
C ASN A 25 -10.22 -24.34 2.97
N GLY A 26 -11.36 -24.39 3.67
CA GLY A 26 -11.80 -25.59 4.42
C GLY A 26 -11.35 -25.57 5.87
N GLU A 27 -10.26 -24.85 6.17
CA GLU A 27 -9.70 -24.73 7.55
C GLU A 27 -10.70 -23.97 8.44
N LYS A 28 -10.70 -24.31 9.73
CA LYS A 28 -11.66 -23.76 10.73
C LYS A 28 -10.88 -22.97 11.77
N TRP A 29 -11.22 -21.70 11.98
CA TRP A 29 -10.43 -20.80 12.86
C TRP A 29 -11.11 -20.76 14.23
N MET A 30 -10.31 -20.98 15.28
CA MET A 30 -10.78 -20.91 16.70
C MET A 30 -12.03 -21.77 16.88
N ASP A 31 -12.13 -22.91 16.20
CA ASP A 31 -13.31 -23.82 16.26
C ASP A 31 -14.60 -23.03 16.03
N ARG A 32 -14.56 -21.97 15.21
CA ARG A 32 -15.77 -21.17 14.88
C ARG A 32 -15.83 -20.86 13.38
N TYR A 33 -14.80 -20.31 12.76
CA TYR A 33 -14.90 -19.85 11.36
C TYR A 33 -14.35 -20.92 10.42
N GLU A 34 -15.24 -21.44 9.57
CA GLU A 34 -14.91 -22.38 8.46
C GLU A 34 -14.69 -21.57 7.19
N ILE A 35 -13.44 -21.37 6.81
CA ILE A 35 -13.09 -20.52 5.63
C ILE A 35 -13.63 -21.21 4.37
N ASP A 36 -14.32 -20.48 3.50
CA ASP A 36 -14.91 -21.05 2.26
C ASP A 36 -14.10 -20.59 1.04
N SER A 37 -13.88 -19.29 0.85
CA SER A 37 -13.11 -18.76 -0.32
C SER A 37 -12.67 -17.33 -0.10
N LEU A 38 -11.75 -16.86 -0.96
CA LEU A 38 -11.37 -15.43 -1.07
C LEU A 38 -12.46 -14.71 -1.84
N ILE A 39 -13.16 -13.75 -1.23
CA ILE A 39 -14.27 -13.02 -1.90
C ILE A 39 -13.86 -11.57 -2.23
N GLY A 40 -12.58 -11.24 -2.07
CA GLY A 40 -12.08 -9.87 -2.34
C GLY A 40 -10.64 -9.63 -1.90
N LYS A 41 -10.01 -8.60 -2.45
CA LYS A 41 -8.62 -8.22 -2.13
C LYS A 41 -8.52 -6.70 -2.24
N GLY A 42 -7.69 -6.07 -1.41
CA GLY A 42 -7.44 -4.61 -1.41
C GLY A 42 -6.08 -4.27 -0.83
N SER A 43 -5.82 -2.98 -0.62
CA SER A 43 -4.55 -2.43 -0.09
C SER A 43 -4.34 -2.89 1.36
N PHE A 44 -5.44 -2.98 2.10
CA PHE A 44 -5.52 -3.31 3.55
C PHE A 44 -5.35 -4.80 3.85
N GLY A 45 -5.24 -5.68 2.83
CA GLY A 45 -5.26 -7.15 3.02
C GLY A 45 -6.37 -7.82 2.20
N GLN A 46 -7.22 -8.65 2.80
CA GLN A 46 -8.16 -9.44 1.97
C GLN A 46 -9.46 -9.71 2.71
N VAL A 47 -10.43 -10.21 1.95
CA VAL A 47 -11.79 -10.52 2.47
C VAL A 47 -12.07 -11.99 2.18
N VAL A 48 -12.60 -12.72 3.14
CA VAL A 48 -12.92 -14.17 2.95
C VAL A 48 -14.36 -14.40 3.35
N LYS A 49 -15.00 -15.32 2.63
CA LYS A 49 -16.31 -15.91 2.98
C LYS A 49 -16.03 -17.02 3.98
N ALA A 50 -16.73 -17.02 5.11
CA ALA A 50 -16.51 -18.02 6.18
C ALA A 50 -17.84 -18.40 6.81
N TYR A 51 -17.95 -19.63 7.29
CA TYR A 51 -19.17 -20.08 7.98
C TYR A 51 -18.94 -19.99 9.48
N ASP A 52 -19.76 -19.20 10.16
CA ASP A 52 -19.71 -19.12 11.64
C ASP A 52 -20.57 -20.26 12.16
N ARG A 53 -19.97 -21.31 12.72
CA ARG A 53 -20.69 -22.46 13.33
C ARG A 53 -21.56 -21.97 14.50
N VAL A 54 -21.05 -21.09 15.35
CA VAL A 54 -21.76 -20.71 16.61
C VAL A 54 -23.08 -20.07 16.20
N GLU A 55 -23.00 -19.01 15.39
CA GLU A 55 -24.14 -18.17 14.94
C GLU A 55 -24.93 -18.87 13.83
N GLN A 56 -24.39 -19.96 13.27
CA GLN A 56 -25.03 -20.76 12.19
C GLN A 56 -25.40 -19.81 11.04
N GLU A 57 -24.39 -19.19 10.40
CA GLU A 57 -24.63 -18.21 9.32
C GLU A 57 -23.33 -17.86 8.59
N TRP A 58 -23.47 -17.16 7.46
CA TRP A 58 -22.34 -16.76 6.59
C TRP A 58 -21.82 -15.42 7.02
N VAL A 59 -20.49 -15.21 6.95
CA VAL A 59 -19.85 -13.91 7.30
C VAL A 59 -18.75 -13.57 6.31
N ALA A 60 -18.46 -12.29 6.14
CA ALA A 60 -17.29 -11.83 5.38
C ALA A 60 -16.25 -11.35 6.39
N ILE A 61 -15.06 -11.95 6.39
CA ILE A 61 -14.00 -11.55 7.36
C ILE A 61 -12.97 -10.69 6.65
N LYS A 62 -12.89 -9.41 7.00
CA LYS A 62 -11.81 -8.57 6.43
C LYS A 62 -10.54 -8.91 7.22
N ILE A 63 -9.49 -9.31 6.52
CA ILE A 63 -8.17 -9.68 7.13
C ILE A 63 -7.19 -8.54 6.88
N ILE A 64 -6.80 -7.85 7.94
CA ILE A 64 -5.82 -6.72 7.88
C ILE A 64 -4.41 -7.31 7.76
N LYS A 65 -3.60 -6.78 6.85
CA LYS A 65 -2.19 -7.20 6.65
C LYS A 65 -1.41 -7.00 7.96
N ASN A 66 -0.46 -7.89 8.25
CA ASN A 66 0.37 -7.81 9.47
C ASN A 66 1.49 -6.79 9.23
N LYS A 67 1.11 -5.52 9.06
CA LYS A 67 2.02 -4.39 8.76
C LYS A 67 1.52 -3.19 9.58
N LYS A 68 2.42 -2.45 10.22
CA LYS A 68 2.04 -1.50 11.29
C LYS A 68 1.11 -0.38 10.77
N ALA A 69 1.43 0.27 9.65
CA ALA A 69 0.63 1.37 9.05
C ALA A 69 -0.85 0.94 8.93
N PHE A 70 -1.08 -0.23 8.33
CA PHE A 70 -2.43 -0.76 8.04
C PHE A 70 -3.11 -1.17 9.35
N LEU A 71 -2.36 -1.71 10.30
CA LEU A 71 -2.92 -2.12 11.59
C LEU A 71 -3.50 -0.87 12.29
N ASN A 72 -2.75 0.24 12.33
CA ASN A 72 -3.18 1.50 13.02
C ASN A 72 -4.44 2.06 12.36
N GLN A 73 -4.50 2.08 11.03
CA GLN A 73 -5.68 2.59 10.30
C GLN A 73 -6.87 1.68 10.58
N ALA A 74 -6.66 0.35 10.64
CA ALA A 74 -7.76 -0.59 10.95
C ALA A 74 -8.23 -0.43 12.41
N GLN A 75 -7.40 0.05 13.34
CA GLN A 75 -7.86 0.29 14.74
C GLN A 75 -8.86 1.44 14.72
N ILE A 76 -8.61 2.44 13.89
CA ILE A 76 -9.53 3.60 13.74
C ILE A 76 -10.79 3.09 13.04
N GLU A 77 -10.71 2.16 12.10
CA GLU A 77 -11.91 1.58 11.44
C GLU A 77 -12.79 0.90 12.51
N VAL A 78 -12.21 0.11 13.40
CA VAL A 78 -12.97 -0.63 14.45
C VAL A 78 -13.66 0.40 15.36
N ARG A 79 -12.94 1.42 15.80
CA ARG A 79 -13.49 2.44 16.73
C ARG A 79 -14.67 3.15 16.06
N LEU A 80 -14.53 3.61 14.81
CA LEU A 80 -15.62 4.33 14.09
C LEU A 80 -16.78 3.37 13.80
N LEU A 81 -16.51 2.12 13.45
CA LEU A 81 -17.59 1.15 13.16
C LEU A 81 -18.34 0.87 14.46
N GLU A 82 -17.61 0.77 15.56
CA GLU A 82 -18.23 0.51 16.88
C GLU A 82 -19.05 1.74 17.29
N LEU A 83 -18.53 2.93 17.02
CA LEU A 83 -19.26 4.17 17.37
C LEU A 83 -20.59 4.17 16.63
N MET A 84 -20.54 3.97 15.31
CA MET A 84 -21.71 4.09 14.39
C MET A 84 -22.74 3.03 14.77
N ASN A 85 -22.28 1.81 15.07
CA ASN A 85 -23.19 0.66 15.34
C ASN A 85 -23.83 0.88 16.71
N LYS A 86 -23.21 1.64 17.60
CA LYS A 86 -23.78 1.95 18.94
C LYS A 86 -24.89 3.01 18.84
N HIS A 87 -24.98 3.76 17.75
CA HIS A 87 -26.03 4.80 17.59
C HIS A 87 -27.19 4.22 16.78
N ASP A 88 -27.61 3.00 17.16
CA ASP A 88 -28.78 2.25 16.62
C ASP A 88 -29.87 2.14 17.69
N MET A 91 -30.66 -1.60 14.96
CA MET A 91 -31.87 -1.38 14.12
C MET A 91 -31.45 -1.27 12.64
N LYS A 92 -30.36 -0.55 12.38
CA LYS A 92 -29.55 -0.48 11.13
C LYS A 92 -30.20 0.43 10.09
N TYR A 93 -29.51 1.51 9.68
CA TYR A 93 -29.90 2.33 8.49
C TYR A 93 -28.64 2.87 7.76
N TYR A 94 -28.12 1.97 6.90
CA TYR A 94 -27.39 2.13 5.61
C TYR A 94 -25.88 1.94 5.82
N ILE A 95 -25.39 1.73 7.04
CA ILE A 95 -23.93 1.47 7.24
C ILE A 95 -23.73 0.01 7.59
N VAL A 96 -22.71 -0.62 6.99
CA VAL A 96 -22.32 -2.04 7.28
C VAL A 96 -22.13 -2.20 8.80
N HIS A 97 -22.64 -3.30 9.34
CA HIS A 97 -22.61 -3.60 10.80
C HIS A 97 -21.37 -4.44 11.13
N LEU A 98 -20.56 -4.01 12.09
CA LEU A 98 -19.39 -4.79 12.55
C LEU A 98 -19.88 -5.79 13.61
N LYS A 99 -19.79 -7.08 13.35
CA LYS A 99 -20.31 -8.07 14.32
C LYS A 99 -19.32 -8.16 15.48
N ARG A 100 -18.03 -8.33 15.17
CA ARG A 100 -16.94 -8.33 16.17
C ARG A 100 -15.58 -8.37 15.46
N HIS A 101 -14.52 -8.16 16.21
CA HIS A 101 -13.14 -8.28 15.71
C HIS A 101 -12.35 -9.10 16.70
N PHE A 102 -11.27 -9.71 16.24
CA PHE A 102 -10.36 -10.52 17.07
C PHE A 102 -9.03 -10.56 16.33
N MET A 103 -7.99 -10.86 17.10
CA MET A 103 -6.64 -11.09 16.57
C MET A 103 -6.55 -12.57 16.25
N PHE A 104 -6.12 -12.93 15.05
CA PHE A 104 -5.84 -14.34 14.68
C PHE A 104 -4.52 -14.42 13.92
N ARG A 105 -3.54 -15.17 14.42
CA ARG A 105 -2.25 -15.42 13.72
C ARG A 105 -1.60 -14.08 13.32
N ASN A 106 -1.69 -13.10 14.23
CA ASN A 106 -1.03 -11.77 14.16
C ASN A 106 -1.73 -10.86 13.13
N HIS A 107 -2.95 -11.22 12.70
CA HIS A 107 -3.77 -10.35 11.81
C HIS A 107 -4.99 -9.87 12.56
N LEU A 108 -5.30 -8.58 12.52
CA LEU A 108 -6.62 -8.12 13.05
C LEU A 108 -7.70 -8.58 12.06
N CYS A 109 -8.82 -9.11 12.55
CA CYS A 109 -9.89 -9.70 11.70
C CYS A 109 -11.25 -9.07 12.03
N LEU A 110 -11.89 -8.46 11.04
CA LEU A 110 -13.16 -7.73 11.20
C LEU A 110 -14.28 -8.57 10.58
N VAL A 111 -15.26 -8.96 11.38
CA VAL A 111 -16.36 -9.85 10.94
C VAL A 111 -17.57 -8.99 10.55
N PHE A 112 -18.06 -9.20 9.34
CA PHE A 112 -19.24 -8.50 8.79
C PHE A 112 -20.32 -9.49 8.36
N GLU A 113 -21.55 -8.99 8.20
CA GLU A 113 -22.66 -9.67 7.48
C GLU A 113 -22.16 -10.00 6.08
N MET A 114 -22.44 -11.20 5.59
CA MET A 114 -22.23 -11.51 4.17
C MET A 114 -23.23 -10.65 3.36
N LEU A 115 -22.73 -9.95 2.34
CA LEU A 115 -23.49 -8.99 1.51
C LEU A 115 -23.42 -9.41 0.04
N SER A 116 -24.08 -8.67 -0.84
CA SER A 116 -24.06 -8.95 -2.30
C SER A 116 -22.94 -8.13 -2.97
N TYR A 117 -22.98 -8.00 -4.29
CA TYR A 117 -21.90 -7.36 -5.09
C TYR A 117 -22.05 -5.83 -5.05
N ASN A 118 -21.02 -5.15 -5.51
CA ASN A 118 -20.89 -3.67 -5.41
C ASN A 118 -21.61 -3.02 -6.60
N LEU A 119 -21.81 -1.69 -6.53
CA LEU A 119 -22.57 -0.92 -7.54
C LEU A 119 -21.77 -0.82 -8.85
N TYR A 120 -20.46 -0.98 -8.85
CA TYR A 120 -19.71 -1.03 -10.12
C TYR A 120 -20.06 -2.33 -10.84
N ASP A 121 -20.15 -3.44 -10.11
CA ASP A 121 -20.49 -4.77 -10.68
C ASP A 121 -21.92 -4.69 -11.25
N LEU A 122 -22.82 -3.99 -10.56
CA LEU A 122 -24.22 -3.82 -11.02
C LEU A 122 -24.25 -3.12 -12.38
N LEU A 123 -23.42 -2.10 -12.58
CA LEU A 123 -23.32 -1.34 -13.84
C LEU A 123 -22.74 -2.24 -14.94
N ARG A 124 -21.69 -3.00 -14.62
CA ARG A 124 -21.04 -3.97 -15.54
C ARG A 124 -22.05 -5.05 -15.95
N ASN A 125 -22.97 -5.45 -15.06
CA ASN A 125 -24.05 -6.43 -15.38
C ASN A 125 -24.90 -5.93 -16.56
N THR A 126 -25.16 -4.63 -16.68
CA THR A 126 -26.02 -4.13 -17.79
C THR A 126 -25.15 -3.36 -18.79
N ASN A 127 -23.92 -3.82 -19.03
CA ASN A 127 -23.04 -3.38 -20.15
C ASN A 127 -22.72 -1.89 -20.08
N PHE A 128 -22.72 -1.31 -18.87
CA PHE A 128 -22.49 0.14 -18.58
C PHE A 128 -23.50 1.01 -19.34
N ARG A 129 -24.71 0.49 -19.60
CA ARG A 129 -25.81 1.30 -20.18
C ARG A 129 -26.32 2.24 -19.09
N GLY A 130 -26.18 1.84 -17.82
CA GLY A 130 -26.60 2.63 -16.65
C GLY A 130 -27.93 2.14 -16.10
N VAL A 131 -28.20 2.45 -14.84
CA VAL A 131 -29.48 2.12 -14.15
C VAL A 131 -30.49 3.23 -14.47
N SER A 132 -31.77 2.94 -14.36
CA SER A 132 -32.84 3.92 -14.64
C SER A 132 -32.78 5.07 -13.62
N LEU A 133 -33.30 6.23 -13.99
CA LEU A 133 -33.37 7.39 -13.08
C LEU A 133 -34.12 6.98 -11.81
N ASN A 134 -35.14 6.11 -11.93
CA ASN A 134 -35.94 5.60 -10.78
C ASN A 134 -35.02 4.83 -9.82
N LEU A 135 -34.10 4.00 -10.33
CA LEU A 135 -33.19 3.21 -9.46
C LEU A 135 -32.13 4.15 -8.85
N THR A 136 -31.64 5.09 -9.66
CA THR A 136 -30.65 6.13 -9.27
C THR A 136 -31.21 6.88 -8.07
N ARG A 137 -32.50 7.23 -8.10
CA ARG A 137 -33.15 8.02 -7.02
C ARG A 137 -33.21 7.19 -5.72
N LYS A 138 -33.44 5.88 -5.81
CA LYS A 138 -33.50 5.01 -4.60
C LYS A 138 -32.11 4.93 -3.98
N PHE A 139 -31.06 4.80 -4.79
CA PHE A 139 -29.65 4.79 -4.30
C PHE A 139 -29.31 6.16 -3.69
N ALA A 140 -29.78 7.24 -4.31
CA ALA A 140 -29.50 8.60 -3.82
C ALA A 140 -30.19 8.80 -2.46
N GLN A 141 -31.40 8.27 -2.24
CA GLN A 141 -32.13 8.50 -0.98
C GLN A 141 -31.39 7.76 0.14
N GLN A 142 -30.97 6.53 -0.11
CA GLN A 142 -30.25 5.74 0.92
C GLN A 142 -28.89 6.37 1.21
N MET A 143 -28.17 6.84 0.19
CA MET A 143 -26.83 7.48 0.36
C MET A 143 -26.99 8.78 1.16
N CYS A 144 -27.96 9.62 0.83
CA CYS A 144 -28.18 10.92 1.51
C CYS A 144 -28.58 10.68 2.96
N THR A 145 -29.41 9.66 3.23
CA THR A 145 -29.85 9.29 4.60
C THR A 145 -28.64 8.78 5.38
N ALA A 146 -27.72 8.06 4.71
CA ALA A 146 -26.47 7.53 5.28
C ALA A 146 -25.55 8.71 5.64
N LEU A 147 -25.36 9.65 4.71
CA LEU A 147 -24.52 10.85 4.93
C LEU A 147 -25.16 11.70 6.02
N LEU A 148 -26.49 11.69 6.15
CA LEU A 148 -27.19 12.47 7.21
C LEU A 148 -26.79 11.89 8.58
N PHE A 149 -26.76 10.57 8.69
CA PHE A 149 -26.42 9.85 9.93
C PHE A 149 -24.93 10.07 10.24
N LEU A 150 -24.04 10.03 9.26
CA LEU A 150 -22.59 10.29 9.51
C LEU A 150 -22.43 11.70 10.07
N ALA A 151 -23.32 12.64 9.73
CA ALA A 151 -23.16 14.07 10.08
C ALA A 151 -23.72 14.35 11.49
N THR A 152 -24.39 13.37 12.10
CA THR A 152 -24.84 13.38 13.52
C THR A 152 -23.70 13.90 14.41
N PRO A 153 -23.95 14.89 15.32
CA PRO A 153 -22.89 15.52 16.12
C PRO A 153 -21.97 14.54 16.86
N GLU A 154 -22.56 13.49 17.44
CA GLU A 154 -21.85 12.39 18.16
C GLU A 154 -20.93 11.63 17.19
N LEU A 155 -21.24 11.57 15.90
CA LEU A 155 -20.40 10.84 14.92
C LEU A 155 -19.44 11.82 14.24
N SER A 156 -19.95 12.81 13.51
CA SER A 156 -19.16 13.71 12.63
C SER A 156 -18.15 12.90 11.80
N ILE A 157 -18.58 11.84 11.13
CA ILE A 157 -17.64 10.89 10.46
C ILE A 157 -17.52 11.27 8.98
N ILE A 158 -16.30 11.35 8.48
CA ILE A 158 -16.00 11.54 7.04
C ILE A 158 -15.60 10.18 6.47
N HIS A 159 -16.40 9.59 5.61
CA HIS A 159 -16.03 8.30 4.98
C HIS A 159 -14.67 8.40 4.28
N CYS A 160 -14.51 9.41 3.43
CA CYS A 160 -13.27 9.76 2.68
C CYS A 160 -13.01 8.83 1.49
N ASP A 161 -13.76 7.75 1.27
CA ASP A 161 -13.44 6.88 0.10
C ASP A 161 -14.73 6.38 -0.53
N LEU A 162 -15.73 7.26 -0.67
CA LEU A 162 -17.00 6.90 -1.34
C LEU A 162 -16.71 6.65 -2.83
N LYS A 163 -17.13 5.46 -3.29
CA LYS A 163 -17.06 5.05 -4.71
C LYS A 163 -18.05 3.91 -4.91
N PRO A 164 -18.42 3.55 -6.18
CA PRO A 164 -19.34 2.43 -6.44
C PRO A 164 -18.86 1.14 -5.75
N GLU A 165 -17.54 0.90 -5.71
CA GLU A 165 -16.96 -0.34 -5.13
C GLU A 165 -17.13 -0.42 -3.60
N ASN A 166 -17.36 0.68 -2.88
CA ASN A 166 -17.59 0.62 -1.41
C ASN A 166 -19.09 0.77 -1.12
N ILE A 167 -19.93 0.54 -2.11
CA ILE A 167 -21.41 0.51 -1.91
C ILE A 167 -21.92 -0.87 -2.33
N LEU A 168 -22.45 -1.64 -1.39
CA LEU A 168 -22.83 -3.06 -1.61
C LEU A 168 -24.36 -3.21 -1.60
N LEU A 169 -24.87 -4.03 -2.52
CA LEU A 169 -26.28 -4.49 -2.50
C LEU A 169 -26.43 -5.44 -1.31
N CYS A 170 -27.51 -5.34 -0.55
CA CYS A 170 -27.80 -6.35 0.50
C CYS A 170 -27.99 -7.69 -0.20
N ASN A 171 -28.80 -7.67 -1.26
CA ASN A 171 -29.29 -8.84 -2.04
C ASN A 171 -29.29 -8.47 -3.52
N PRO A 172 -28.91 -9.36 -4.48
CA PRO A 172 -29.00 -9.09 -5.92
C PRO A 172 -30.41 -8.81 -6.45
N LYS A 173 -31.45 -9.22 -5.72
CA LYS A 173 -32.87 -9.13 -6.15
C LYS A 173 -33.48 -7.77 -5.75
N ARG A 174 -32.90 -7.06 -4.78
CA ARG A 174 -33.49 -5.79 -4.27
C ARG A 174 -32.51 -4.64 -4.50
N SER A 175 -32.87 -3.44 -4.06
CA SER A 175 -32.06 -2.21 -4.28
C SER A 175 -31.49 -1.66 -2.97
N ALA A 176 -31.79 -2.29 -1.82
CA ALA A 176 -31.27 -1.89 -0.50
C ALA A 176 -29.74 -1.90 -0.53
N ILE A 177 -29.09 -0.86 0.00
CA ILE A 177 -27.59 -0.80 -0.05
C ILE A 177 -27.02 -0.53 1.33
N LYS A 178 -25.74 -0.89 1.50
CA LYS A 178 -24.96 -0.55 2.70
C LYS A 178 -23.62 0.02 2.25
N ILE A 179 -23.14 1.03 2.95
CA ILE A 179 -21.77 1.59 2.79
C ILE A 179 -20.81 0.74 3.62
N VAL A 180 -19.68 0.37 3.03
CA VAL A 180 -18.59 -0.42 3.66
C VAL A 180 -17.29 0.37 3.52
N ASP A 181 -16.24 -0.12 4.19
CA ASP A 181 -14.82 0.33 4.17
C ASP A 181 -14.68 1.73 4.75
N PHE A 182 -14.49 1.77 6.06
CA PHE A 182 -14.21 3.01 6.82
C PHE A 182 -12.71 3.02 7.15
N GLY A 183 -11.93 2.43 6.25
CA GLY A 183 -10.47 2.21 6.35
C GLY A 183 -9.68 3.50 6.27
N SER A 184 -10.17 4.54 5.58
CA SER A 184 -9.51 5.87 5.55
C SER A 184 -10.40 6.93 6.21
N SER A 185 -11.39 6.52 6.98
CA SER A 185 -12.38 7.43 7.60
C SER A 185 -11.75 8.14 8.78
N CYS A 186 -12.15 9.39 9.02
CA CYS A 186 -11.72 10.20 10.18
C CYS A 186 -12.92 10.98 10.72
N GLN A 187 -12.83 11.47 11.94
CA GLN A 187 -13.87 12.39 12.47
C GLN A 187 -13.48 13.82 12.12
N LEU A 188 -14.46 14.71 12.05
CA LEU A 188 -14.28 16.17 11.86
C LEU A 188 -13.20 16.67 12.82
N GLY A 189 -12.11 17.26 12.29
CA GLY A 189 -11.01 17.84 13.08
C GLY A 189 -9.89 16.85 13.37
N GLN A 190 -9.93 15.62 12.82
CA GLN A 190 -8.88 14.58 13.03
C GLN A 190 -8.32 14.15 11.68
N ARG A 191 -8.31 15.05 10.71
CA ARG A 191 -7.64 14.85 9.41
C ARG A 191 -6.19 14.43 9.69
N ILE A 192 -5.72 13.38 9.04
CA ILE A 192 -4.34 12.86 9.25
C ILE A 192 -3.67 12.60 7.89
N TYR A 193 -4.41 12.59 6.79
CA TYR A 193 -3.90 12.25 5.44
C TYR A 193 -4.20 13.37 4.45
N GLN A 194 -3.18 13.98 3.84
CA GLN A 194 -3.36 14.92 2.71
C GLN A 194 -4.10 14.22 1.58
N PTR A 195 -3.72 12.97 1.30
CA PTR A 195 -4.12 12.34 0.05
C PTR A 195 -5.17 11.26 0.30
O PTR A 195 -4.87 10.19 0.80
CB PTR A 195 -2.91 11.79 -0.69
CG PTR A 195 -1.73 12.74 -0.76
CD1 PTR A 195 -0.62 12.51 0.04
CD2 PTR A 195 -1.74 13.87 -1.58
CE1 PTR A 195 0.49 13.36 0.00
CE2 PTR A 195 -0.65 14.73 -1.63
CZ PTR A 195 0.46 14.46 -0.85
OH PTR A 195 1.59 15.27 -0.79
P PTR A 195 2.31 15.98 -2.02
O1P PTR A 195 3.32 16.92 -1.38
O2P PTR A 195 1.35 16.74 -2.92
O3P PTR A 195 2.99 14.90 -2.78
N ILE A 196 -6.43 11.58 -0.07
CA ILE A 196 -7.59 10.75 0.19
C ILE A 196 -8.49 10.77 -1.02
N GLN A 197 -9.54 9.93 -1.00
CA GLN A 197 -10.61 9.75 -2.03
C GLN A 197 -10.02 9.06 -3.28
N SER A 198 -10.74 8.12 -3.89
CA SER A 198 -10.39 7.57 -5.23
C SER A 198 -10.45 8.73 -6.24
N ARG A 199 -9.45 8.86 -7.11
CA ARG A 199 -9.23 10.06 -7.99
C ARG A 199 -10.50 10.51 -8.70
N PHE A 200 -11.25 9.61 -9.34
CA PHE A 200 -12.50 9.96 -10.08
C PHE A 200 -13.50 10.67 -9.15
N TYR A 201 -13.51 10.33 -7.85
CA TYR A 201 -14.51 10.86 -6.88
C TYR A 201 -13.85 11.86 -5.94
N ARG A 202 -12.69 12.40 -6.31
CA ARG A 202 -11.88 13.29 -5.43
C ARG A 202 -12.41 14.73 -5.57
N SER A 203 -12.78 15.34 -4.45
CA SER A 203 -13.29 16.73 -4.35
C SER A 203 -12.20 17.74 -4.69
N PRO A 204 -12.57 18.93 -5.22
CA PRO A 204 -11.64 20.04 -5.51
C PRO A 204 -10.78 20.41 -4.31
N GLU A 205 -11.39 20.53 -3.12
CA GLU A 205 -10.64 20.93 -1.90
C GLU A 205 -9.53 19.90 -1.63
N VAL A 206 -9.74 18.61 -1.88
CA VAL A 206 -8.67 17.59 -1.64
C VAL A 206 -7.59 17.73 -2.72
N LEU A 207 -7.98 17.95 -3.99
CA LEU A 207 -7.02 18.14 -5.12
C LEU A 207 -6.13 19.35 -4.82
N LEU A 208 -6.70 20.37 -4.16
CA LEU A 208 -6.04 21.68 -3.91
C LEU A 208 -5.20 21.63 -2.63
N GLY A 209 -5.17 20.50 -1.92
CA GLY A 209 -4.38 20.29 -0.69
C GLY A 209 -4.97 21.03 0.51
N MET A 210 -6.27 21.39 0.41
CA MET A 210 -6.99 22.14 1.45
C MET A 210 -7.47 21.20 2.55
N PRO A 211 -7.80 21.73 3.75
CA PRO A 211 -8.47 20.95 4.80
C PRO A 211 -9.89 20.58 4.33
N TYR A 212 -10.45 19.47 4.83
CA TYR A 212 -11.76 18.99 4.32
C TYR A 212 -12.65 18.69 5.51
N ASP A 213 -13.96 18.69 5.25
CA ASP A 213 -14.97 18.35 6.28
C ASP A 213 -15.91 17.33 5.65
N LEU A 214 -17.10 17.14 6.23
CA LEU A 214 -18.03 16.09 5.76
C LEU A 214 -18.53 16.40 4.34
N ALA A 215 -18.35 17.61 3.82
CA ALA A 215 -18.80 17.99 2.46
C ALA A 215 -18.09 17.17 1.39
N ILE A 216 -16.87 16.66 1.61
CA ILE A 216 -16.18 15.92 0.51
C ILE A 216 -16.98 14.65 0.17
N ASP A 217 -17.76 14.10 1.10
CA ASP A 217 -18.54 12.85 0.85
C ASP A 217 -19.71 13.20 -0.07
N MET A 218 -20.32 14.37 0.12
CA MET A 218 -21.43 14.83 -0.74
C MET A 218 -20.91 15.01 -2.17
N TRP A 219 -19.66 15.45 -2.34
CA TRP A 219 -19.05 15.61 -3.68
C TRP A 219 -18.91 14.24 -4.37
N SER A 220 -18.42 13.23 -3.64
CA SER A 220 -18.28 11.86 -4.13
C SER A 220 -19.66 11.33 -4.56
N LEU A 221 -20.70 11.58 -3.78
CA LEU A 221 -22.06 11.07 -4.03
C LEU A 221 -22.60 11.64 -5.34
N GLY A 222 -22.41 12.94 -5.58
CA GLY A 222 -22.78 13.61 -6.84
C GLY A 222 -22.19 12.90 -8.03
N CYS A 223 -20.87 12.69 -8.03
CA CYS A 223 -20.15 12.01 -9.13
C CYS A 223 -20.73 10.59 -9.30
N ILE A 224 -21.05 9.92 -8.19
CA ILE A 224 -21.51 8.50 -8.17
C ILE A 224 -22.90 8.41 -8.78
N LEU A 225 -23.82 9.32 -8.48
CA LEU A 225 -25.23 9.22 -8.96
C LEU A 225 -25.26 9.42 -10.47
N VAL A 226 -24.44 10.34 -11.00
CA VAL A 226 -24.35 10.58 -12.48
C VAL A 226 -23.82 9.32 -13.16
N GLU A 227 -22.80 8.67 -12.60
CA GLU A 227 -22.17 7.46 -13.19
C GLU A 227 -23.16 6.29 -13.19
N MET A 228 -23.98 6.16 -12.14
CA MET A 228 -24.95 5.06 -12.05
C MET A 228 -25.96 5.20 -13.20
N HIS A 229 -26.38 6.43 -13.54
CA HIS A 229 -27.41 6.65 -14.59
C HIS A 229 -26.77 6.58 -15.98
N THR A 230 -25.56 7.14 -16.18
CA THR A 230 -24.89 7.22 -17.52
C THR A 230 -24.14 5.92 -17.81
N GLY A 231 -23.66 5.24 -16.77
CA GLY A 231 -22.83 4.04 -16.88
C GLY A 231 -21.35 4.38 -16.97
N GLU A 232 -21.00 5.66 -17.04
CA GLU A 232 -19.57 6.09 -17.09
C GLU A 232 -19.30 7.16 -16.03
N PRO A 233 -18.03 7.21 -15.52
CA PRO A 233 -17.56 8.26 -14.58
C PRO A 233 -17.79 9.63 -15.22
N LEU A 234 -18.25 10.58 -14.43
CA LEU A 234 -18.42 11.99 -14.84
C LEU A 234 -17.02 12.56 -15.12
N PHE A 235 -16.07 12.29 -14.24
CA PHE A 235 -14.71 12.87 -14.26
C PHE A 235 -13.65 11.76 -14.23
N SER A 236 -13.17 11.32 -15.39
CA SER A 236 -12.27 10.15 -15.48
C SER A 236 -10.81 10.58 -15.67
N GLY A 237 -10.27 11.40 -14.77
CA GLY A 237 -8.89 11.93 -14.83
C GLY A 237 -7.88 10.81 -14.70
N ALA A 238 -6.81 10.86 -15.48
CA ALA A 238 -5.69 9.89 -15.55
C ALA A 238 -4.74 10.15 -14.39
N ASN A 239 -4.71 11.41 -13.93
CA ASN A 239 -3.80 11.93 -12.87
C ASN A 239 -4.53 13.10 -12.21
N GLU A 240 -3.90 13.78 -11.24
CA GLU A 240 -4.55 14.91 -10.54
C GLU A 240 -4.85 16.05 -11.52
N VAL A 241 -3.88 16.41 -12.37
CA VAL A 241 -4.01 17.57 -13.30
C VAL A 241 -5.16 17.30 -14.28
N ASP A 242 -5.19 16.10 -14.88
CA ASP A 242 -6.28 15.69 -15.80
C ASP A 242 -7.64 15.73 -15.08
N GLN A 243 -7.67 15.28 -13.83
CA GLN A 243 -8.90 15.25 -12.99
C GLN A 243 -9.41 16.68 -12.81
N MET A 244 -8.55 17.60 -12.36
CA MET A 244 -8.94 19.02 -12.16
C MET A 244 -9.45 19.60 -13.48
N ASN A 245 -8.75 19.37 -14.59
CA ASN A 245 -9.17 19.91 -15.91
C ASN A 245 -10.57 19.38 -16.26
N LYS A 246 -10.84 18.09 -16.00
CA LYS A 246 -12.15 17.47 -16.37
C LYS A 246 -13.26 18.15 -15.55
N ILE A 247 -12.97 18.56 -14.32
CA ILE A 247 -13.97 19.23 -13.44
C ILE A 247 -14.25 20.63 -13.96
N VAL A 248 -13.20 21.36 -14.39
CA VAL A 248 -13.29 22.76 -14.88
C VAL A 248 -14.08 22.81 -16.19
N GLU A 249 -13.94 21.77 -17.02
CA GLU A 249 -14.69 21.59 -18.28
C GLU A 249 -16.18 21.72 -17.97
N VAL A 250 -16.60 21.17 -16.85
CA VAL A 250 -18.04 21.15 -16.47
C VAL A 250 -18.36 22.33 -15.56
N LEU A 251 -17.52 22.65 -14.58
CA LEU A 251 -17.99 23.59 -13.51
C LEU A 251 -17.37 24.98 -13.66
N GLY A 252 -16.41 25.16 -14.57
CA GLY A 252 -15.72 26.45 -14.80
C GLY A 252 -14.57 26.63 -13.81
N ILE A 253 -13.89 27.78 -13.85
CA ILE A 253 -12.75 28.11 -12.95
C ILE A 253 -13.31 28.23 -11.52
N PRO A 254 -12.71 27.59 -10.48
CA PRO A 254 -13.11 27.71 -9.07
C PRO A 254 -13.13 29.15 -8.55
N PRO A 255 -13.98 29.53 -7.55
CA PRO A 255 -14.04 30.90 -7.04
C PRO A 255 -12.66 31.36 -6.54
N ALA A 256 -12.31 32.62 -6.79
CA ALA A 256 -10.98 33.18 -6.45
C ALA A 256 -10.77 33.08 -4.94
N HIS A 257 -11.81 33.24 -4.13
CA HIS A 257 -11.66 33.17 -2.66
C HIS A 257 -11.18 31.78 -2.25
N ILE A 258 -11.49 30.73 -3.02
CA ILE A 258 -11.02 29.36 -2.69
C ILE A 258 -9.56 29.20 -3.13
N LEU A 259 -9.25 29.53 -4.38
CA LEU A 259 -7.87 29.36 -4.93
C LEU A 259 -6.88 30.22 -4.12
N ASP A 260 -7.30 31.35 -3.54
CA ASP A 260 -6.43 32.27 -2.75
C ASP A 260 -5.93 31.58 -1.47
N GLN A 261 -6.62 30.55 -0.98
CA GLN A 261 -6.25 29.78 0.23
C GLN A 261 -5.58 28.45 -0.13
N ALA A 262 -5.81 27.91 -1.33
CA ALA A 262 -5.37 26.55 -1.74
C ALA A 262 -3.85 26.46 -1.88
N PRO A 263 -3.16 25.60 -1.07
CA PRO A 263 -1.72 25.38 -1.16
C PRO A 263 -1.28 24.88 -2.54
N LYS A 264 -2.13 24.10 -3.21
CA LYS A 264 -1.77 23.49 -4.51
C LYS A 264 -2.51 24.16 -5.66
N ALA A 265 -3.01 25.39 -5.51
CA ALA A 265 -3.65 26.14 -6.62
C ALA A 265 -2.72 26.22 -7.85
N ARG A 266 -1.45 26.54 -7.61
CA ARG A 266 -0.44 26.63 -8.68
C ARG A 266 -0.03 25.23 -9.08
N LYS A 267 -0.85 24.21 -8.85
CA LYS A 267 -0.57 22.91 -9.51
C LYS A 267 -1.36 22.83 -10.82
N PHE A 268 -2.47 23.56 -10.92
CA PHE A 268 -3.39 23.52 -12.10
C PHE A 268 -3.69 24.92 -12.65
N PHE A 269 -3.56 25.98 -11.84
CA PHE A 269 -3.97 27.34 -12.26
C PHE A 269 -2.80 28.33 -12.14
N GLU A 270 -3.03 29.56 -12.61
CA GLU A 270 -2.07 30.68 -12.51
C GLU A 270 -2.84 31.99 -12.30
N LYS A 271 -2.38 32.82 -11.37
CA LYS A 271 -2.93 34.18 -11.15
C LYS A 271 -2.45 35.11 -12.27
N LEU A 272 -3.37 35.94 -12.80
CA LEU A 272 -3.06 37.05 -13.73
C LEU A 272 -2.80 38.32 -12.93
N PRO A 273 -2.14 39.37 -13.52
CA PRO A 273 -1.85 40.62 -12.80
C PRO A 273 -3.04 41.29 -12.11
N ASP A 274 -4.17 41.37 -12.83
CA ASP A 274 -5.49 41.89 -12.37
C ASP A 274 -6.09 41.01 -11.26
N GLY A 275 -5.46 39.86 -10.95
CA GLY A 275 -5.82 38.99 -9.82
C GLY A 275 -6.95 38.02 -10.16
N THR A 276 -7.03 37.53 -11.39
CA THR A 276 -8.03 36.47 -11.70
C THR A 276 -7.28 35.21 -12.12
N TRP A 277 -7.78 34.06 -11.66
CA TRP A 277 -7.14 32.76 -11.94
C TRP A 277 -7.57 32.25 -13.32
N ASN A 278 -6.62 31.68 -14.06
CA ASN A 278 -6.93 30.88 -15.29
C ASN A 278 -6.13 29.57 -15.21
N LEU A 279 -6.46 28.62 -16.10
CA LEU A 279 -5.81 27.29 -16.19
C LEU A 279 -4.36 27.45 -16.61
N LYS A 280 -3.47 26.66 -16.02
CA LYS A 280 -2.05 26.53 -16.45
C LYS A 280 -2.02 26.22 -17.95
N LYS A 281 -1.25 26.97 -18.73
CA LYS A 281 -1.28 26.95 -20.21
C LYS A 281 -1.18 25.52 -20.74
N THR A 282 -0.20 24.72 -20.28
CA THR A 282 -0.05 23.26 -20.56
C THR A 282 0.88 22.63 -19.51
N TYR A 289 -8.62 19.94 -23.86
CA TYR A 289 -9.81 20.24 -23.02
C TYR A 289 -10.72 21.29 -23.65
N LYS A 290 -12.01 21.16 -23.38
CA LYS A 290 -13.09 22.14 -23.71
C LYS A 290 -12.88 23.40 -22.86
N PRO A 291 -13.33 24.59 -23.34
CA PRO A 291 -13.25 25.84 -22.58
C PRO A 291 -13.99 25.69 -21.25
N PRO A 292 -13.48 26.27 -20.12
CA PRO A 292 -14.07 26.12 -18.78
C PRO A 292 -15.59 26.22 -18.79
N GLY A 293 -16.31 25.26 -18.19
CA GLY A 293 -17.77 25.30 -17.99
C GLY A 293 -18.60 25.09 -19.26
N THR A 294 -18.02 24.67 -20.40
CA THR A 294 -18.77 24.50 -21.67
C THR A 294 -19.31 23.06 -21.82
N ARG A 295 -18.82 22.10 -21.04
CA ARG A 295 -19.35 20.72 -21.06
C ARG A 295 -20.52 20.69 -20.08
N LYS A 296 -21.73 20.84 -20.59
CA LYS A 296 -22.90 21.04 -19.73
C LYS A 296 -23.34 19.66 -19.23
N LEU A 297 -23.69 19.57 -17.94
CA LEU A 297 -24.25 18.33 -17.37
C LEU A 297 -25.58 18.05 -18.10
N HIS A 298 -26.24 19.12 -18.55
CA HIS A 298 -27.48 19.07 -19.38
C HIS A 298 -27.27 18.15 -20.58
N ASN A 299 -26.14 18.25 -21.27
CA ASN A 299 -25.89 17.43 -22.49
C ASN A 299 -25.32 16.07 -22.10
N ILE A 300 -24.53 16.00 -21.03
CA ILE A 300 -23.95 14.72 -20.53
C ILE A 300 -25.11 13.81 -20.10
N LEU A 301 -26.17 14.38 -19.53
CA LEU A 301 -27.35 13.58 -19.11
C LEU A 301 -28.26 13.33 -20.32
N GLY A 302 -27.98 13.99 -21.45
CA GLY A 302 -28.84 13.95 -22.65
C GLY A 302 -30.27 14.32 -22.29
N VAL A 303 -30.45 15.38 -21.51
CA VAL A 303 -31.74 15.79 -20.87
C VAL A 303 -32.84 15.82 -21.93
N GLU A 304 -32.58 16.43 -23.08
CA GLU A 304 -33.60 16.68 -24.13
C GLU A 304 -33.42 15.70 -25.28
N THR A 305 -32.37 14.88 -25.28
CA THR A 305 -32.05 14.00 -26.44
C THR A 305 -32.07 12.52 -26.02
N GLY A 306 -32.96 12.16 -25.08
CA GLY A 306 -33.31 10.77 -24.75
C GLY A 306 -32.37 10.11 -23.74
N GLY A 307 -31.71 10.88 -22.85
CA GLY A 307 -30.88 10.31 -21.77
C GLY A 307 -29.53 9.81 -22.28
N PRO A 308 -28.72 9.19 -21.38
CA PRO A 308 -27.35 8.74 -21.66
C PRO A 308 -27.26 7.82 -22.88
N GLY A 309 -26.50 8.23 -23.90
CA GLY A 309 -26.50 7.60 -25.23
C GLY A 309 -27.89 7.53 -25.86
N GLY A 310 -28.80 8.43 -25.46
CA GLY A 310 -30.18 8.53 -25.98
C GLY A 310 -31.04 7.31 -25.66
N ARG A 311 -30.62 6.44 -24.74
CA ARG A 311 -31.23 5.10 -24.53
C ARG A 311 -32.58 5.17 -23.81
N ARG A 312 -32.92 6.26 -23.14
CA ARG A 312 -34.16 6.32 -22.31
C ARG A 312 -35.23 7.13 -23.06
N ALA A 313 -35.15 7.21 -24.39
CA ALA A 313 -36.07 8.00 -25.24
C ALA A 313 -37.51 7.52 -25.03
N GLY A 314 -38.39 8.42 -24.55
CA GLY A 314 -39.83 8.20 -24.39
C GLY A 314 -40.18 7.33 -23.18
N GLU A 315 -39.21 6.56 -22.65
CA GLU A 315 -39.42 5.60 -21.53
C GLU A 315 -39.98 6.37 -20.32
N SER A 316 -40.95 5.75 -19.65
CA SER A 316 -41.66 6.30 -18.46
C SER A 316 -40.66 6.62 -17.34
N GLY A 317 -40.82 7.77 -16.69
CA GLY A 317 -39.97 8.18 -15.55
C GLY A 317 -38.70 8.88 -16.01
N HIS A 318 -38.55 9.17 -17.30
CA HIS A 318 -37.33 9.80 -17.85
C HIS A 318 -37.70 11.06 -18.63
N THR A 319 -38.65 11.85 -18.11
CA THR A 319 -39.14 13.09 -18.75
C THR A 319 -38.10 14.20 -18.55
N VAL A 320 -38.22 15.27 -19.35
CA VAL A 320 -37.33 16.46 -19.29
C VAL A 320 -37.43 17.02 -17.86
N ALA A 321 -38.66 17.13 -17.33
CA ALA A 321 -38.94 17.64 -15.97
C ALA A 321 -38.24 16.77 -14.93
N ASP A 322 -38.23 15.44 -15.10
CA ASP A 322 -37.59 14.52 -14.12
C ASP A 322 -36.08 14.79 -14.17
N TYR A 323 -35.52 14.88 -15.37
CA TYR A 323 -34.07 15.13 -15.60
C TYR A 323 -33.65 16.48 -15.02
N LEU A 324 -34.51 17.50 -15.06
CA LEU A 324 -34.14 18.87 -14.60
C LEU A 324 -33.97 18.84 -13.06
N LYS A 325 -34.86 18.17 -12.33
CA LYS A 325 -34.76 18.06 -10.84
C LYS A 325 -33.46 17.33 -10.47
N PHE A 326 -33.17 16.21 -11.14
CA PHE A 326 -31.94 15.41 -10.91
C PHE A 326 -30.68 16.24 -11.20
N LYS A 327 -30.66 16.99 -12.31
CA LYS A 327 -29.49 17.81 -12.71
C LYS A 327 -29.30 18.92 -11.68
N ASP A 328 -30.41 19.48 -11.20
CA ASP A 328 -30.44 20.53 -10.16
C ASP A 328 -29.77 20.03 -8.88
N LEU A 329 -30.20 18.85 -8.44
CA LEU A 329 -29.66 18.27 -7.19
C LEU A 329 -28.18 17.96 -7.40
N ILE A 330 -27.79 17.39 -8.54
CA ILE A 330 -26.36 17.05 -8.79
C ILE A 330 -25.50 18.32 -8.73
N LEU A 331 -25.94 19.44 -9.30
CA LEU A 331 -25.08 20.65 -9.35
C LEU A 331 -24.92 21.22 -7.93
N ARG A 332 -25.93 21.09 -7.07
CA ARG A 332 -25.84 21.50 -5.65
C ARG A 332 -24.83 20.59 -4.92
N MET A 333 -24.70 19.33 -5.35
CA MET A 333 -23.73 18.37 -4.75
C MET A 333 -22.32 18.69 -5.24
N LEU A 334 -22.18 19.31 -6.42
CA LEU A 334 -20.85 19.61 -6.99
C LEU A 334 -20.52 21.09 -6.87
N ASP A 335 -21.08 21.79 -5.89
CA ASP A 335 -20.71 23.19 -5.58
C ASP A 335 -19.23 23.20 -5.21
N TYR A 336 -18.43 24.11 -5.79
CA TYR A 336 -16.97 24.25 -5.47
C TYR A 336 -16.79 24.60 -3.98
N ASP A 337 -17.66 25.42 -3.40
CA ASP A 337 -17.57 25.88 -1.99
C ASP A 337 -18.12 24.78 -1.09
N PRO A 338 -17.30 24.22 -0.15
CA PRO A 338 -17.76 23.21 0.83
C PRO A 338 -18.75 23.82 1.83
N LYS A 339 -18.62 25.11 2.09
CA LYS A 339 -19.54 25.87 2.97
C LYS A 339 -20.93 26.00 2.31
N THR A 340 -21.06 25.99 0.99
CA THR A 340 -22.39 26.15 0.33
C THR A 340 -22.80 24.85 -0.39
N ARG A 341 -21.97 23.80 -0.37
CA ARG A 341 -22.37 22.49 -0.93
C ARG A 341 -23.58 22.00 -0.14
N ILE A 342 -24.62 21.49 -0.83
CA ILE A 342 -25.86 20.99 -0.17
C ILE A 342 -25.47 19.95 0.89
N GLN A 343 -26.08 20.02 2.07
CA GLN A 343 -25.78 19.10 3.20
C GLN A 343 -26.82 17.98 3.11
N PRO A 344 -26.63 16.81 3.77
CA PRO A 344 -27.55 15.67 3.66
C PRO A 344 -29.02 16.04 3.94
N TYR A 345 -29.30 16.83 4.98
CA TYR A 345 -30.70 17.15 5.37
C TYR A 345 -31.39 17.92 4.24
N TYR A 346 -30.75 18.92 3.65
CA TYR A 346 -31.39 19.77 2.61
C TYR A 346 -31.51 18.97 1.31
N ALA A 347 -30.55 18.07 1.01
CA ALA A 347 -30.60 17.21 -0.20
C ALA A 347 -31.81 16.28 -0.15
N LEU A 348 -32.25 15.84 1.04
CA LEU A 348 -33.44 14.97 1.21
C LEU A 348 -34.74 15.77 1.02
N GLN A 349 -34.69 17.10 1.13
CA GLN A 349 -35.87 17.97 0.96
C GLN A 349 -36.01 18.37 -0.51
N HIS A 350 -35.05 17.99 -1.35
CA HIS A 350 -35.02 18.40 -2.77
C HIS A 350 -36.21 17.81 -3.52
N SER A 351 -36.72 18.57 -4.49
CA SER A 351 -37.87 18.23 -5.36
C SER A 351 -37.61 16.91 -6.10
N PHE A 352 -36.34 16.55 -6.33
CA PHE A 352 -36.00 15.29 -7.02
C PHE A 352 -36.49 14.10 -6.18
N PHE A 353 -36.82 14.29 -4.90
CA PHE A 353 -37.25 13.18 -4.02
C PHE A 353 -38.74 13.23 -3.65
N LYS A 354 -39.45 14.36 -3.75
CA LYS A 354 -40.89 14.36 -3.34
C LYS A 354 -41.67 13.33 -4.15
N LYS A 355 -42.56 12.58 -3.50
CA LYS A 355 -43.38 11.49 -4.12
C LYS A 355 -44.38 12.10 -5.12
N PRO B 16 -10.57 2.21 -17.24
CA PRO B 16 -9.61 1.20 -16.76
C PRO B 16 -10.13 0.42 -15.53
N ARG B 17 -10.63 1.13 -14.50
CA ARG B 17 -11.31 0.53 -13.32
C ARG B 17 -10.38 -0.45 -12.61
N GLY B 18 -9.50 0.13 -11.80
CA GLY B 18 -8.40 -0.61 -11.16
C GLY B 18 -7.14 0.24 -11.25
N SEP B 19 -6.34 0.13 -10.20
CA SEP B 19 -5.02 0.74 -10.19
CB SEP B 19 -4.60 0.92 -8.77
OG SEP B 19 -4.42 -0.39 -8.18
C SEP B 19 -4.06 -0.14 -10.98
O SEP B 19 -3.09 0.37 -11.50
P SEP B 19 -5.50 -0.93 -7.12
O1P SEP B 19 -4.84 -2.07 -6.38
O2P SEP B 19 -6.71 -1.38 -7.93
O3P SEP B 19 -5.80 0.27 -6.24
N HIS B 20 -4.36 -1.45 -11.09
CA HIS B 20 -3.52 -2.37 -11.84
C HIS B 20 -3.85 -2.29 -13.34
N MET B 21 -2.85 -2.51 -14.19
CA MET B 21 -3.01 -2.53 -15.66
C MET B 21 -3.46 -3.93 -16.07
N ILE B 22 -4.43 -4.02 -16.97
CA ILE B 22 -4.90 -5.30 -17.57
C ILE B 22 -3.81 -5.77 -18.53
N VAL B 23 -3.37 -7.03 -18.44
CA VAL B 23 -2.25 -7.52 -19.29
C VAL B 23 -2.72 -8.74 -20.08
N LYS B 24 -2.55 -8.72 -21.41
CA LYS B 24 -2.88 -9.87 -22.29
C LYS B 24 -1.61 -10.69 -22.48
N ASN B 25 -1.71 -11.99 -22.21
CA ASN B 25 -0.55 -12.91 -22.17
C ASN B 25 -0.04 -13.15 -23.59
N GLY B 26 -0.60 -12.49 -24.60
CA GLY B 26 -0.08 -12.48 -25.98
C GLY B 26 0.07 -11.07 -26.50
N GLU B 27 -0.21 -10.07 -25.66
CA GLU B 27 -0.19 -8.61 -25.94
C GLU B 27 1.16 -8.19 -26.54
N LYS B 28 1.15 -7.18 -27.41
CA LYS B 28 2.40 -6.52 -27.87
C LYS B 28 2.23 -5.03 -27.60
N TRP B 29 3.22 -4.41 -26.94
CA TRP B 29 3.12 -2.99 -26.55
C TRP B 29 3.91 -2.14 -27.52
N MET B 30 3.30 -1.04 -27.96
CA MET B 30 3.92 -0.04 -28.87
C MET B 30 4.40 -0.83 -30.09
N ASP B 31 5.68 -0.90 -30.41
CA ASP B 31 6.02 -1.82 -31.52
C ASP B 31 7.14 -2.78 -31.10
N ARG B 32 7.67 -2.67 -29.88
CA ARG B 32 8.79 -3.52 -29.40
C ARG B 32 8.29 -4.60 -28.43
N TYR B 33 8.03 -4.22 -27.19
CA TYR B 33 7.92 -5.16 -26.04
C TYR B 33 6.74 -6.13 -26.25
N GLU B 34 7.08 -7.41 -26.38
CA GLU B 34 6.16 -8.54 -26.63
C GLU B 34 5.87 -9.21 -25.29
N ILE B 35 4.75 -8.92 -24.64
CA ILE B 35 4.45 -9.41 -23.26
C ILE B 35 4.33 -10.93 -23.28
N ASP B 36 4.95 -11.61 -22.32
CA ASP B 36 4.97 -13.11 -22.25
C ASP B 36 4.11 -13.59 -21.09
N SER B 37 4.37 -13.14 -19.86
CA SER B 37 3.64 -13.60 -18.64
C SER B 37 3.94 -12.72 -17.43
N LEU B 38 3.11 -12.87 -16.40
CA LEU B 38 3.26 -12.22 -15.09
C LEU B 38 4.42 -12.89 -14.35
N ILE B 39 5.46 -12.15 -13.94
CA ILE B 39 6.57 -12.81 -13.18
C ILE B 39 6.63 -12.31 -11.74
N GLY B 40 5.74 -11.42 -11.30
CA GLY B 40 5.82 -10.88 -9.93
C GLY B 40 4.66 -9.96 -9.57
N LYS B 41 4.28 -9.94 -8.30
CA LYS B 41 3.23 -9.02 -7.80
C LYS B 41 3.73 -8.40 -6.49
N GLY B 42 3.40 -7.12 -6.28
CA GLY B 42 3.74 -6.37 -5.06
C GLY B 42 2.76 -5.24 -4.82
N SER B 43 2.99 -4.42 -3.80
CA SER B 43 2.14 -3.25 -3.46
C SER B 43 2.27 -2.19 -4.57
N PHE B 44 3.45 -2.10 -5.20
CA PHE B 44 3.78 -1.12 -6.25
C PHE B 44 3.07 -1.42 -7.58
N GLY B 45 2.60 -2.65 -7.82
CA GLY B 45 1.98 -3.06 -9.10
C GLY B 45 2.42 -4.46 -9.49
N GLN B 46 2.75 -4.68 -10.77
CA GLN B 46 3.06 -6.03 -11.31
C GLN B 46 4.39 -6.04 -12.06
N VAL B 47 4.99 -7.21 -12.23
CA VAL B 47 6.21 -7.40 -13.05
C VAL B 47 5.88 -8.41 -14.14
N VAL B 48 6.17 -8.06 -15.39
CA VAL B 48 5.93 -8.96 -16.55
C VAL B 48 7.26 -9.26 -17.25
N LYS B 49 7.38 -10.51 -17.70
CA LYS B 49 8.41 -10.95 -18.69
C LYS B 49 7.93 -10.50 -20.07
N ALA B 50 8.77 -9.81 -20.83
CA ALA B 50 8.41 -9.28 -22.16
C ALA B 50 9.62 -9.37 -23.09
N TYR B 51 9.40 -9.54 -24.40
CA TYR B 51 10.52 -9.59 -25.36
C TYR B 51 10.71 -8.22 -26.01
N ASP B 52 11.89 -7.63 -25.81
CA ASP B 52 12.25 -6.35 -26.45
C ASP B 52 12.72 -6.73 -27.85
N ARG B 53 11.80 -6.77 -28.80
CA ARG B 53 12.03 -7.27 -30.19
C ARG B 53 12.86 -6.22 -30.95
N VAL B 54 13.05 -5.02 -30.38
CA VAL B 54 13.96 -4.00 -30.97
C VAL B 54 15.39 -4.29 -30.48
N GLU B 55 15.53 -4.93 -29.33
CA GLU B 55 16.83 -5.15 -28.66
C GLU B 55 17.29 -6.60 -28.75
N GLN B 56 16.42 -7.48 -29.24
CA GLN B 56 16.65 -8.95 -29.35
C GLN B 56 17.05 -9.48 -27.97
N GLU B 57 16.20 -9.32 -26.95
CA GLU B 57 16.50 -9.81 -25.57
C GLU B 57 15.28 -9.73 -24.67
N TRP B 58 15.13 -10.67 -23.74
CA TRP B 58 14.09 -10.67 -22.68
C TRP B 58 14.30 -9.49 -21.74
N VAL B 59 13.22 -8.95 -21.18
CA VAL B 59 13.26 -7.85 -20.17
C VAL B 59 12.20 -8.09 -19.09
N ALA B 60 12.38 -7.50 -17.92
CA ALA B 60 11.37 -7.47 -16.83
C ALA B 60 10.75 -6.07 -16.79
N ILE B 61 9.45 -5.92 -17.01
CA ILE B 61 8.81 -4.58 -16.98
C ILE B 61 8.08 -4.40 -15.64
N LYS B 62 8.57 -3.49 -14.82
CA LYS B 62 7.92 -3.11 -13.55
C LYS B 62 6.79 -2.14 -13.87
N ILE B 63 5.53 -2.58 -13.73
CA ILE B 63 4.34 -1.77 -14.06
C ILE B 63 3.78 -1.19 -12.76
N ILE B 64 3.92 0.13 -12.61
CA ILE B 64 3.48 0.86 -11.39
C ILE B 64 1.97 1.06 -11.48
N LYS B 65 1.28 0.86 -10.36
CA LYS B 65 -0.16 1.14 -10.23
C LYS B 65 -0.43 2.62 -10.51
N ASN B 66 -1.58 2.88 -11.12
CA ASN B 66 -2.06 4.25 -11.40
C ASN B 66 -2.78 4.78 -10.16
N LYS B 67 -2.03 4.95 -9.06
CA LYS B 67 -2.48 5.57 -7.79
C LYS B 67 -1.36 6.53 -7.37
N LYS B 68 -1.68 7.66 -6.74
CA LYS B 68 -0.69 8.77 -6.59
C LYS B 68 0.56 8.31 -5.80
N ALA B 69 0.41 7.69 -4.63
CA ALA B 69 1.52 7.29 -3.72
C ALA B 69 2.52 6.35 -4.42
N PHE B 70 2.05 5.43 -5.27
CA PHE B 70 2.93 4.45 -5.95
C PHE B 70 3.72 5.17 -7.04
N LEU B 71 3.08 6.06 -7.76
CA LEU B 71 3.74 6.86 -8.82
C LEU B 71 4.90 7.64 -8.22
N ASN B 72 4.67 8.30 -7.07
CA ASN B 72 5.72 9.07 -6.35
C ASN B 72 6.81 8.12 -5.88
N GLN B 73 6.47 6.94 -5.37
CA GLN B 73 7.49 5.96 -4.91
C GLN B 73 8.40 5.66 -6.10
N ALA B 74 7.80 5.29 -7.23
CA ALA B 74 8.48 4.83 -8.46
C ALA B 74 9.33 5.94 -9.05
N GLN B 75 8.88 7.20 -8.96
CA GLN B 75 9.62 8.37 -9.52
C GLN B 75 10.89 8.55 -8.72
N ILE B 76 10.85 8.34 -7.40
CA ILE B 76 12.07 8.39 -6.54
C ILE B 76 12.97 7.22 -6.95
N GLU B 77 12.38 6.06 -7.23
CA GLU B 77 13.13 4.87 -7.68
C GLU B 77 13.86 5.18 -8.99
N VAL B 78 13.19 5.82 -9.96
CA VAL B 78 13.80 6.16 -11.28
C VAL B 78 14.99 7.09 -11.02
N ARG B 79 14.81 8.11 -10.18
CA ARG B 79 15.87 9.13 -9.91
C ARG B 79 17.09 8.44 -9.30
N LEU B 80 16.91 7.58 -8.29
CA LEU B 80 18.06 6.92 -7.61
C LEU B 80 18.70 5.90 -8.56
N LEU B 81 17.90 5.21 -9.35
CA LEU B 81 18.43 4.21 -10.32
C LEU B 81 19.21 4.98 -11.39
N GLU B 82 18.68 6.11 -11.82
CA GLU B 82 19.34 6.93 -12.87
C GLU B 82 20.62 7.54 -12.28
N LEU B 83 20.63 7.92 -11.01
CA LEU B 83 21.85 8.46 -10.37
C LEU B 83 22.98 7.42 -10.49
N MET B 84 22.69 6.18 -10.11
CA MET B 84 23.65 5.04 -10.04
C MET B 84 24.20 4.75 -11.45
N ASN B 85 23.33 4.84 -12.46
CA ASN B 85 23.60 4.66 -13.91
C ASN B 85 24.85 5.39 -14.39
N LYS B 86 25.04 6.64 -13.98
CA LYS B 86 26.14 7.45 -14.56
C LYS B 86 27.41 7.20 -13.74
N HIS B 87 27.60 6.00 -13.18
CA HIS B 87 28.82 5.76 -12.35
C HIS B 87 29.88 4.97 -13.11
N ASP B 88 31.13 5.19 -12.67
CA ASP B 88 32.37 4.78 -13.38
C ASP B 88 32.60 3.28 -13.11
N THR B 89 32.59 2.89 -11.82
CA THR B 89 33.07 1.57 -11.30
C THR B 89 32.13 0.43 -11.72
N GLU B 90 32.61 -0.82 -11.61
CA GLU B 90 31.82 -2.02 -12.00
C GLU B 90 31.11 -2.61 -10.77
N MET B 91 31.16 -1.93 -9.63
CA MET B 91 30.53 -2.32 -8.32
C MET B 91 29.02 -2.07 -8.38
N LYS B 92 28.61 -1.07 -9.16
CA LYS B 92 27.19 -0.73 -9.45
C LYS B 92 26.56 -1.87 -10.25
N TYR B 93 27.33 -2.88 -10.61
CA TYR B 93 26.79 -4.05 -11.34
C TYR B 93 26.24 -5.08 -10.34
N TYR B 94 26.27 -4.81 -9.03
CA TYR B 94 25.53 -5.60 -8.02
C TYR B 94 24.14 -5.01 -7.78
N ILE B 95 23.85 -3.88 -8.45
CA ILE B 95 22.52 -3.20 -8.38
C ILE B 95 21.82 -3.39 -9.72
N VAL B 96 20.53 -3.70 -9.70
CA VAL B 96 19.71 -3.92 -10.93
C VAL B 96 19.85 -2.71 -11.84
N HIS B 97 19.99 -2.94 -13.15
CA HIS B 97 20.16 -1.86 -14.16
C HIS B 97 18.79 -1.47 -14.76
N LEU B 98 18.45 -0.20 -14.69
CA LEU B 98 17.19 0.32 -15.30
C LEU B 98 17.54 0.77 -16.71
N LYS B 99 17.00 0.10 -17.72
CA LYS B 99 17.30 0.42 -19.13
C LYS B 99 16.63 1.75 -19.49
N ARG B 100 15.33 1.88 -19.24
CA ARG B 100 14.52 3.04 -19.68
C ARG B 100 13.18 3.05 -18.93
N HIS B 101 12.52 4.19 -18.89
CA HIS B 101 11.15 4.29 -18.34
C HIS B 101 10.29 5.08 -19.30
N PHE B 102 9.02 4.71 -19.37
CA PHE B 102 8.03 5.39 -20.22
C PHE B 102 6.69 5.34 -19.50
N MET B 103 5.74 6.11 -20.01
CA MET B 103 4.33 6.11 -19.57
C MET B 103 3.55 5.33 -20.63
N PHE B 104 2.70 4.37 -20.24
CA PHE B 104 1.92 3.57 -21.22
C PHE B 104 0.61 3.13 -20.58
N ARG B 105 -0.52 3.41 -21.25
CA ARG B 105 -1.89 3.17 -20.74
C ARG B 105 -2.05 3.85 -19.36
N ASN B 106 -1.41 5.00 -19.15
CA ASN B 106 -1.42 5.85 -17.91
C ASN B 106 -0.73 5.15 -16.73
N HIS B 107 0.19 4.23 -17.02
CA HIS B 107 1.03 3.58 -15.97
C HIS B 107 2.49 3.96 -16.20
N LEU B 108 3.22 4.36 -15.16
CA LEU B 108 4.71 4.46 -15.28
C LEU B 108 5.27 3.04 -15.42
N CYS B 109 6.14 2.78 -16.40
CA CYS B 109 6.71 1.44 -16.69
C CYS B 109 8.23 1.49 -16.62
N LEU B 110 8.84 0.69 -15.73
CA LEU B 110 10.31 0.67 -15.55
C LEU B 110 10.85 -0.60 -16.21
N VAL B 111 11.74 -0.43 -17.18
CA VAL B 111 12.33 -1.58 -17.94
C VAL B 111 13.65 -1.99 -17.30
N PHE B 112 13.76 -3.25 -16.91
CA PHE B 112 14.96 -3.82 -16.25
C PHE B 112 15.49 -4.97 -17.10
N GLU B 113 16.74 -5.35 -16.88
CA GLU B 113 17.31 -6.62 -17.39
C GLU B 113 16.51 -7.77 -16.78
N MET B 114 16.19 -8.79 -17.57
CA MET B 114 15.53 -10.00 -17.04
C MET B 114 16.55 -10.73 -16.17
N LEU B 115 16.15 -11.13 -14.96
CA LEU B 115 17.00 -11.87 -13.98
C LEU B 115 16.32 -13.20 -13.62
N SER B 116 16.84 -13.92 -12.64
CA SER B 116 16.28 -15.18 -12.10
C SER B 116 15.52 -14.90 -10.80
N TYR B 117 15.19 -15.95 -10.04
CA TYR B 117 14.32 -15.90 -8.84
C TYR B 117 15.10 -15.37 -7.62
N ASN B 118 14.39 -15.13 -6.52
CA ASN B 118 14.94 -14.48 -5.31
C ASN B 118 15.63 -15.48 -4.38
N LEU B 119 16.37 -14.96 -3.40
CA LEU B 119 17.15 -15.77 -2.43
C LEU B 119 16.22 -16.52 -1.48
N TYR B 120 15.00 -16.07 -1.25
CA TYR B 120 14.07 -16.86 -0.42
C TYR B 120 13.66 -18.12 -1.21
N ASP B 121 13.46 -18.01 -2.51
CA ASP B 121 13.08 -19.16 -3.38
C ASP B 121 14.27 -20.11 -3.48
N LEU B 122 15.51 -19.62 -3.44
CA LEU B 122 16.71 -20.51 -3.45
C LEU B 122 16.72 -21.37 -2.18
N LEU B 123 16.35 -20.79 -1.03
CA LEU B 123 16.26 -21.50 0.27
C LEU B 123 15.13 -22.54 0.21
N ARG B 124 13.99 -22.19 -0.40
CA ARG B 124 12.79 -23.05 -0.51
C ARG B 124 13.14 -24.31 -1.34
N ASN B 125 13.96 -24.15 -2.39
CA ASN B 125 14.46 -25.26 -3.24
C ASN B 125 15.14 -26.33 -2.39
N THR B 126 15.96 -25.91 -1.42
CA THR B 126 16.76 -26.77 -0.52
C THR B 126 15.92 -27.15 0.71
N ASN B 127 14.60 -26.89 0.66
CA ASN B 127 13.61 -27.15 1.75
C ASN B 127 14.11 -26.55 3.08
N PHE B 128 14.63 -25.32 3.00
CA PHE B 128 15.00 -24.45 4.15
C PHE B 128 16.11 -25.11 4.98
N ARG B 129 16.96 -25.94 4.36
CA ARG B 129 18.13 -26.58 5.02
C ARG B 129 19.30 -25.59 5.05
N GLY B 130 19.27 -24.58 4.17
CA GLY B 130 20.31 -23.55 4.03
C GLY B 130 21.24 -23.85 2.87
N VAL B 131 21.83 -22.82 2.26
CA VAL B 131 22.93 -22.97 1.26
C VAL B 131 24.25 -23.11 2.02
N SER B 132 25.30 -23.53 1.34
CA SER B 132 26.62 -23.82 1.96
C SER B 132 27.27 -22.51 2.43
N LEU B 133 28.22 -22.62 3.36
CA LEU B 133 28.98 -21.44 3.82
C LEU B 133 29.65 -20.79 2.61
N ASN B 134 30.16 -21.59 1.66
CA ASN B 134 30.95 -21.08 0.49
C ASN B 134 30.05 -20.18 -0.39
N LEU B 135 28.78 -20.55 -0.58
CA LEU B 135 27.82 -19.76 -1.37
C LEU B 135 27.41 -18.52 -0.57
N THR B 136 27.18 -18.68 0.74
CA THR B 136 26.82 -17.60 1.69
C THR B 136 27.91 -16.52 1.61
N ARG B 137 29.17 -16.93 1.56
CA ARG B 137 30.33 -16.00 1.49
C ARG B 137 30.32 -15.23 0.16
N LYS B 138 29.94 -15.85 -0.94
CA LYS B 138 29.91 -15.17 -2.26
C LYS B 138 28.77 -14.13 -2.25
N PHE B 139 27.62 -14.46 -1.67
CA PHE B 139 26.49 -13.52 -1.53
C PHE B 139 26.89 -12.37 -0.60
N ALA B 140 27.60 -12.68 0.47
CA ALA B 140 28.03 -11.67 1.45
C ALA B 140 29.02 -10.70 0.79
N GLN B 141 29.94 -11.18 -0.05
CA GLN B 141 30.97 -10.32 -0.70
C GLN B 141 30.27 -9.35 -1.67
N GLN B 142 29.33 -9.85 -2.46
CA GLN B 142 28.65 -9.02 -3.48
C GLN B 142 27.72 -8.02 -2.79
N MET B 143 27.06 -8.42 -1.70
CA MET B 143 26.16 -7.53 -0.93
C MET B 143 26.99 -6.43 -0.26
N CYS B 144 28.13 -6.77 0.33
CA CYS B 144 29.03 -5.80 1.01
C CYS B 144 29.57 -4.79 -0.01
N THR B 145 29.92 -5.25 -1.22
CA THR B 145 30.42 -4.41 -2.34
C THR B 145 29.29 -3.50 -2.81
N ALA B 146 28.04 -4.01 -2.81
CA ALA B 146 26.83 -3.23 -3.19
C ALA B 146 26.57 -2.14 -2.14
N LEU B 147 26.67 -2.47 -0.85
CA LEU B 147 26.49 -1.47 0.23
C LEU B 147 27.60 -0.42 0.15
N LEU B 148 28.80 -0.82 -0.30
CA LEU B 148 29.94 0.12 -0.44
C LEU B 148 29.59 1.16 -1.52
N PHE B 149 28.99 0.71 -2.63
CA PHE B 149 28.59 1.57 -3.77
C PHE B 149 27.52 2.57 -3.30
N LEU B 150 26.51 2.07 -2.59
CA LEU B 150 25.41 2.94 -2.09
C LEU B 150 26.00 3.99 -1.13
N ALA B 151 27.15 3.74 -0.51
CA ALA B 151 27.73 4.62 0.54
C ALA B 151 28.65 5.67 -0.07
N THR B 152 28.92 5.59 -1.38
CA THR B 152 29.53 6.66 -2.21
C THR B 152 28.90 8.02 -1.83
N PRO B 153 29.67 9.04 -1.36
CA PRO B 153 29.12 10.31 -0.85
C PRO B 153 28.06 10.96 -1.76
N GLU B 154 28.31 10.93 -3.07
CA GLU B 154 27.42 11.40 -4.15
C GLU B 154 26.09 10.63 -4.12
N LEU B 155 26.08 9.38 -3.67
CA LEU B 155 24.80 8.60 -3.64
C LEU B 155 24.23 8.65 -2.23
N SER B 156 24.93 8.12 -1.22
CA SER B 156 24.44 8.04 0.19
C SER B 156 23.01 7.49 0.19
N ILE B 157 22.74 6.39 -0.50
CA ILE B 157 21.38 5.80 -0.60
C ILE B 157 21.20 4.77 0.52
N ILE B 158 20.08 4.86 1.23
CA ILE B 158 19.64 3.83 2.20
C ILE B 158 18.57 3.01 1.50
N HIS B 159 18.85 1.75 1.21
CA HIS B 159 17.89 0.90 0.47
C HIS B 159 16.58 0.85 1.25
N CYS B 160 16.65 0.55 2.55
CA CYS B 160 15.54 0.54 3.54
C CYS B 160 14.60 -0.66 3.36
N ASP B 161 14.79 -1.55 2.39
CA ASP B 161 13.90 -2.74 2.27
C ASP B 161 14.72 -3.99 1.94
N LEU B 162 15.94 -4.12 2.47
CA LEU B 162 16.81 -5.30 2.23
C LEU B 162 16.15 -6.53 2.84
N LYS B 163 15.94 -7.55 2.00
CA LYS B 163 15.37 -8.86 2.40
C LYS B 163 15.68 -9.88 1.29
N PRO B 164 15.53 -11.20 1.57
CA PRO B 164 15.78 -12.26 0.60
C PRO B 164 15.03 -12.01 -0.72
N GLU B 165 13.79 -11.51 -0.66
CA GLU B 165 12.95 -11.32 -1.88
C GLU B 165 13.45 -10.15 -2.75
N ASN B 166 14.23 -9.21 -2.19
CA ASN B 166 14.78 -8.08 -2.98
C ASN B 166 16.22 -8.36 -3.39
N ILE B 167 16.65 -9.63 -3.34
CA ILE B 167 17.96 -10.03 -3.90
C ILE B 167 17.71 -11.14 -4.90
N LEU B 168 18.04 -10.90 -6.16
CA LEU B 168 17.73 -11.81 -7.30
C LEU B 168 19.03 -12.44 -7.81
N LEU B 169 18.99 -13.73 -8.08
CA LEU B 169 20.04 -14.45 -8.85
C LEU B 169 20.05 -13.91 -10.28
N CYS B 170 21.21 -13.66 -10.86
CA CYS B 170 21.31 -13.32 -12.30
C CYS B 170 20.75 -14.49 -13.10
N ASN B 171 21.12 -15.73 -12.74
CA ASN B 171 20.39 -16.93 -13.24
C ASN B 171 20.50 -18.09 -12.25
N PRO B 172 19.62 -19.12 -12.38
CA PRO B 172 19.51 -20.27 -11.47
C PRO B 172 20.73 -21.21 -11.45
N LYS B 173 21.81 -20.74 -12.04
CA LYS B 173 23.01 -21.54 -12.34
C LYS B 173 24.27 -20.91 -11.72
N ARG B 174 24.27 -19.63 -11.37
CA ARG B 174 25.50 -18.98 -10.87
C ARG B 174 25.25 -18.35 -9.49
N SER B 175 26.28 -17.80 -8.91
CA SER B 175 26.26 -17.17 -7.56
C SER B 175 26.07 -15.65 -7.69
N ALA B 176 26.05 -15.11 -8.91
CA ALA B 176 25.92 -13.65 -9.15
C ALA B 176 24.56 -13.18 -8.63
N ILE B 177 24.51 -12.08 -7.89
CA ILE B 177 23.23 -11.53 -7.36
C ILE B 177 23.12 -10.04 -7.71
N LYS B 178 21.91 -9.51 -7.64
CA LYS B 178 21.62 -8.07 -7.86
C LYS B 178 20.57 -7.64 -6.85
N ILE B 179 20.70 -6.43 -6.33
CA ILE B 179 19.69 -5.77 -5.44
C ILE B 179 18.65 -5.07 -6.32
N VAL B 180 17.37 -5.28 -6.04
CA VAL B 180 16.25 -4.56 -6.72
C VAL B 180 15.39 -3.85 -5.68
N ASP B 181 14.42 -3.07 -6.18
CA ASP B 181 13.31 -2.43 -5.44
C ASP B 181 13.84 -1.29 -4.56
N PHE B 182 13.88 -0.09 -5.14
CA PHE B 182 14.33 1.15 -4.47
C PHE B 182 13.12 2.03 -4.15
N GLY B 183 11.93 1.42 -4.04
CA GLY B 183 10.63 2.09 -3.82
C GLY B 183 10.50 2.77 -2.44
N SER B 184 11.17 2.26 -1.40
CA SER B 184 11.15 2.91 -0.06
C SER B 184 12.54 3.47 0.29
N SER B 185 13.41 3.63 -0.71
CA SER B 185 14.79 4.16 -0.50
C SER B 185 14.72 5.66 -0.22
N CYS B 186 15.71 6.18 0.48
CA CYS B 186 15.89 7.64 0.68
C CYS B 186 17.39 7.94 0.74
N GLN B 187 17.76 9.21 0.77
CA GLN B 187 19.18 9.58 0.94
C GLN B 187 19.46 9.91 2.41
N LEU B 188 20.73 9.80 2.80
CA LEU B 188 21.24 10.11 4.16
C LEU B 188 20.69 11.48 4.59
N GLY B 189 20.00 11.52 5.73
CA GLY B 189 19.41 12.74 6.30
C GLY B 189 17.90 12.78 6.11
N GLN B 190 17.33 11.95 5.24
CA GLN B 190 15.88 12.03 4.93
C GLN B 190 15.09 11.12 5.88
N ARG B 191 13.93 11.63 6.31
CA ARG B 191 12.86 10.90 7.00
C ARG B 191 11.60 11.08 6.16
N ILE B 192 11.18 10.03 5.45
CA ILE B 192 10.11 10.12 4.41
C ILE B 192 8.92 9.24 4.81
N TYR B 193 9.15 8.06 5.37
CA TYR B 193 8.09 7.06 5.66
C TYR B 193 8.15 6.72 7.15
N GLN B 194 6.99 6.46 7.72
CA GLN B 194 6.84 6.30 9.20
C GLN B 194 7.54 5.02 9.61
N PTR B 195 7.19 3.94 8.91
CA PTR B 195 7.77 2.63 9.13
C PTR B 195 8.57 2.26 7.88
O PTR B 195 8.10 2.45 6.75
CB PTR B 195 6.69 1.60 9.49
CG PTR B 195 5.89 1.98 10.71
CD1 PTR B 195 6.41 1.83 11.99
CD2 PTR B 195 4.62 2.53 10.57
CE1 PTR B 195 5.68 2.18 13.12
CE2 PTR B 195 3.89 2.91 11.69
CZ PTR B 195 4.42 2.73 12.95
OH PTR B 195 3.55 3.11 13.98
P PTR B 195 3.91 3.57 15.44
O1P PTR B 195 4.64 4.88 15.24
O2P PTR B 195 2.60 3.76 16.15
O3P PTR B 195 4.79 2.60 16.18
N ILE B 196 9.80 1.81 8.12
CA ILE B 196 10.72 1.42 7.07
C ILE B 196 11.35 0.09 7.51
N GLN B 197 11.87 -0.66 6.52
CA GLN B 197 12.48 -2.01 6.61
C GLN B 197 11.40 -3.07 6.83
N SER B 198 11.52 -4.20 6.14
CA SER B 198 10.80 -5.47 6.43
C SER B 198 11.05 -5.86 7.90
N ARG B 199 10.00 -6.16 8.68
CA ARG B 199 10.09 -6.33 10.16
C ARG B 199 11.21 -7.32 10.56
N PHE B 200 11.38 -8.44 9.85
CA PHE B 200 12.42 -9.46 10.18
C PHE B 200 13.81 -8.83 10.08
N TYR B 201 13.99 -7.83 9.21
CA TYR B 201 15.33 -7.24 8.91
C TYR B 201 15.38 -5.82 9.48
N ARG B 202 14.45 -5.44 10.37
CA ARG B 202 14.39 -4.04 10.89
C ARG B 202 15.44 -3.87 12.00
N SER B 203 16.33 -2.90 11.84
CA SER B 203 17.39 -2.50 12.80
C SER B 203 16.79 -1.96 14.12
N PRO B 204 17.52 -2.13 15.26
CA PRO B 204 17.14 -1.59 16.56
C PRO B 204 16.88 -0.09 16.54
N GLU B 205 17.72 0.69 15.88
CA GLU B 205 17.56 2.18 15.83
C GLU B 205 16.20 2.51 15.20
N VAL B 206 15.70 1.73 14.24
CA VAL B 206 14.38 2.02 13.61
C VAL B 206 13.27 1.59 14.57
N LEU B 207 13.43 0.46 15.26
CA LEU B 207 12.44 -0.04 16.26
C LEU B 207 12.31 0.98 17.40
N LEU B 208 13.43 1.59 17.81
CA LEU B 208 13.49 2.53 18.97
C LEU B 208 13.09 3.95 18.55
N GLY B 209 12.98 4.20 17.24
CA GLY B 209 12.55 5.49 16.66
C GLY B 209 13.67 6.50 16.61
N MET B 210 14.92 6.04 16.58
CA MET B 210 16.14 6.88 16.62
C MET B 210 16.51 7.30 15.20
N PRO B 211 17.44 8.29 14.99
CA PRO B 211 17.87 8.69 13.66
C PRO B 211 18.58 7.54 12.94
N TYR B 212 18.39 7.36 11.63
CA TYR B 212 18.98 6.20 10.92
C TYR B 212 19.82 6.70 9.76
N ASP B 213 20.88 5.96 9.46
CA ASP B 213 21.80 6.24 8.34
C ASP B 213 22.01 4.93 7.60
N LEU B 214 23.07 4.85 6.80
CA LEU B 214 23.32 3.69 5.92
C LEU B 214 23.59 2.43 6.76
N ALA B 215 23.88 2.56 8.06
CA ALA B 215 24.14 1.39 8.93
C ALA B 215 22.91 0.48 9.04
N ILE B 216 21.69 0.96 8.78
CA ILE B 216 20.49 0.09 8.92
C ILE B 216 20.55 -1.03 7.87
N ASP B 217 21.11 -0.78 6.67
CA ASP B 217 21.20 -1.79 5.58
C ASP B 217 22.23 -2.86 5.98
N MET B 218 23.30 -2.47 6.67
CA MET B 218 24.31 -3.43 7.16
C MET B 218 23.66 -4.37 8.19
N TRP B 219 22.73 -3.87 8.97
CA TRP B 219 22.00 -4.70 9.96
C TRP B 219 21.13 -5.73 9.21
N SER B 220 20.40 -5.30 8.18
CA SER B 220 19.56 -6.22 7.37
C SER B 220 20.44 -7.32 6.78
N LEU B 221 21.62 -6.98 6.30
CA LEU B 221 22.52 -7.95 5.62
C LEU B 221 22.96 -9.02 6.63
N GLY B 222 23.32 -8.64 7.85
CA GLY B 222 23.66 -9.59 8.93
C GLY B 222 22.58 -10.64 9.04
N CYS B 223 21.34 -10.22 9.28
CA CYS B 223 20.15 -11.08 9.42
C CYS B 223 19.99 -11.97 8.19
N ILE B 224 20.18 -11.40 6.98
CA ILE B 224 20.01 -12.12 5.70
C ILE B 224 21.05 -13.24 5.61
N LEU B 225 22.31 -12.99 5.99
CA LEU B 225 23.40 -13.97 5.79
C LEU B 225 23.19 -15.19 6.70
N VAL B 226 22.76 -14.96 7.93
CA VAL B 226 22.47 -16.04 8.92
C VAL B 226 21.31 -16.89 8.39
N GLU B 227 20.27 -16.27 7.83
CA GLU B 227 19.09 -17.01 7.30
C GLU B 227 19.51 -17.87 6.09
N MET B 228 20.40 -17.38 5.22
CA MET B 228 20.78 -18.12 4.01
C MET B 228 21.48 -19.42 4.43
N HIS B 229 22.34 -19.39 5.44
CA HIS B 229 23.12 -20.61 5.79
C HIS B 229 22.25 -21.57 6.62
N THR B 230 21.45 -21.07 7.57
CA THR B 230 20.64 -21.90 8.51
C THR B 230 19.31 -22.29 7.85
N GLY B 231 18.80 -21.46 6.94
CA GLY B 231 17.52 -21.68 6.26
C GLY B 231 16.36 -20.95 6.90
N GLU B 232 16.53 -20.28 8.04
CA GLU B 232 15.35 -19.64 8.70
C GLU B 232 15.72 -18.24 9.20
N PRO B 233 14.71 -17.32 9.34
CA PRO B 233 14.90 -15.95 9.84
C PRO B 233 15.60 -16.00 11.20
N LEU B 234 16.60 -15.16 11.42
CA LEU B 234 17.31 -15.06 12.72
C LEU B 234 16.30 -14.48 13.73
N PHE B 235 15.57 -13.45 13.32
CA PHE B 235 14.64 -12.68 14.18
C PHE B 235 13.26 -12.61 13.52
N SER B 236 12.38 -13.58 13.78
CA SER B 236 11.09 -13.71 13.06
C SER B 236 9.96 -13.13 13.93
N GLY B 237 10.03 -11.82 14.22
CA GLY B 237 9.09 -11.13 15.12
C GLY B 237 7.70 -11.06 14.51
N ALA B 238 6.66 -11.28 15.33
CA ALA B 238 5.24 -11.25 14.93
C ALA B 238 4.81 -9.79 14.82
N ASN B 239 5.43 -8.95 15.63
CA ASN B 239 5.14 -7.50 15.75
C ASN B 239 6.43 -6.83 16.24
N GLU B 240 6.40 -5.54 16.48
CA GLU B 240 7.60 -4.77 16.91
C GLU B 240 8.08 -5.27 18.28
N VAL B 241 7.19 -5.50 19.25
CA VAL B 241 7.59 -5.92 20.62
C VAL B 241 8.27 -7.31 20.54
N ASP B 242 7.64 -8.24 19.83
CA ASP B 242 8.18 -9.60 19.62
C ASP B 242 9.47 -9.55 18.81
N GLN B 243 9.58 -8.65 17.82
CA GLN B 243 10.83 -8.42 17.06
C GLN B 243 11.94 -8.02 18.03
N MET B 244 11.74 -6.97 18.83
CA MET B 244 12.76 -6.49 19.80
C MET B 244 13.08 -7.62 20.80
N ASN B 245 12.09 -8.33 21.31
CA ASN B 245 12.37 -9.44 22.26
C ASN B 245 13.23 -10.52 21.58
N LYS B 246 13.01 -10.82 20.32
CA LYS B 246 13.81 -11.86 19.62
C LYS B 246 15.24 -11.36 19.44
N ILE B 247 15.46 -10.06 19.31
CA ILE B 247 16.83 -9.50 19.13
C ILE B 247 17.58 -9.59 20.45
N VAL B 248 16.91 -9.22 21.55
CA VAL B 248 17.49 -9.19 22.93
C VAL B 248 17.85 -10.62 23.36
N GLU B 249 17.03 -11.59 22.96
CA GLU B 249 17.24 -13.04 23.25
C GLU B 249 18.64 -13.40 22.77
N VAL B 250 19.05 -12.84 21.65
CA VAL B 250 20.35 -13.16 21.01
C VAL B 250 21.41 -12.17 21.44
N LEU B 251 21.12 -10.86 21.52
CA LEU B 251 22.22 -9.86 21.64
C LEU B 251 22.24 -9.19 23.01
N GLY B 252 21.30 -9.54 23.90
CA GLY B 252 21.15 -8.98 25.26
C GLY B 252 20.50 -7.59 25.24
N ILE B 253 20.40 -6.95 26.40
CA ILE B 253 19.82 -5.59 26.58
C ILE B 253 20.73 -4.61 25.86
N PRO B 254 20.22 -3.69 24.99
CA PRO B 254 21.01 -2.67 24.29
C PRO B 254 21.73 -1.73 25.24
N PRO B 255 22.87 -1.08 24.85
CA PRO B 255 23.63 -0.22 25.75
C PRO B 255 22.75 0.92 26.28
N ALA B 256 22.93 1.28 27.56
CA ALA B 256 22.16 2.37 28.22
C ALA B 256 22.30 3.67 27.41
N HIS B 257 23.44 3.95 26.81
CA HIS B 257 23.63 5.24 26.08
C HIS B 257 22.65 5.30 24.89
N ILE B 258 22.22 4.16 24.35
CA ILE B 258 21.26 4.15 23.21
C ILE B 258 19.86 4.36 23.78
N LEU B 259 19.45 3.55 24.75
CA LEU B 259 18.08 3.61 25.32
C LEU B 259 17.82 4.99 25.94
N ASP B 260 18.85 5.68 26.47
CA ASP B 260 18.73 7.02 27.12
C ASP B 260 18.27 8.08 26.11
N GLN B 261 18.56 7.89 24.82
CA GLN B 261 18.19 8.85 23.74
C GLN B 261 16.97 8.34 22.95
N ALA B 262 16.55 7.09 23.12
CA ALA B 262 15.56 6.44 22.23
C ALA B 262 14.14 6.89 22.58
N PRO B 263 13.42 7.60 21.67
CA PRO B 263 12.05 8.08 21.91
C PRO B 263 11.07 6.93 22.15
N LYS B 264 11.34 5.78 21.54
CA LYS B 264 10.47 4.58 21.65
C LYS B 264 11.00 3.57 22.67
N ALA B 265 12.02 3.90 23.47
CA ALA B 265 12.65 2.94 24.43
C ALA B 265 11.59 2.28 25.32
N ARG B 266 10.62 3.01 25.87
CA ARG B 266 9.69 2.44 26.88
C ARG B 266 8.62 1.58 26.19
N LYS B 267 8.59 1.51 24.86
CA LYS B 267 7.70 0.55 24.15
C LYS B 267 8.19 -0.88 24.38
N PHE B 268 9.48 -1.06 24.72
CA PHE B 268 10.11 -2.40 24.90
C PHE B 268 10.81 -2.54 26.26
N PHE B 269 11.26 -1.47 26.91
CA PHE B 269 12.09 -1.58 28.13
C PHE B 269 11.57 -0.71 29.28
N GLU B 270 12.23 -0.83 30.44
CA GLU B 270 11.99 0.00 31.65
C GLU B 270 13.32 0.30 32.35
N LYS B 271 13.60 1.56 32.66
CA LYS B 271 14.80 2.01 33.43
C LYS B 271 14.65 1.59 34.90
N LEU B 272 15.68 0.99 35.48
CA LEU B 272 15.69 0.51 36.89
C LEU B 272 15.79 1.70 37.85
N PRO B 273 15.46 1.54 39.16
CA PRO B 273 15.63 2.61 40.15
C PRO B 273 17.09 3.10 40.15
N ASP B 274 18.02 2.14 40.10
CA ASP B 274 19.48 2.35 39.88
C ASP B 274 19.72 2.86 38.44
N GLY B 275 18.76 2.70 37.52
CA GLY B 275 18.84 3.25 36.15
C GLY B 275 19.59 2.34 35.19
N THR B 276 19.48 1.02 35.38
CA THR B 276 19.89 0.02 34.37
C THR B 276 18.64 -0.48 33.64
N TRP B 277 18.68 -0.56 32.32
CA TRP B 277 17.47 -0.92 31.53
C TRP B 277 17.24 -2.43 31.56
N ASN B 278 15.98 -2.81 31.71
CA ASN B 278 15.49 -4.21 31.66
C ASN B 278 14.34 -4.28 30.67
N LEU B 279 13.98 -5.49 30.24
CA LEU B 279 12.85 -5.72 29.30
C LEU B 279 11.54 -5.52 30.07
N LYS B 280 10.52 -4.94 29.44
CA LYS B 280 9.13 -5.08 29.95
C LYS B 280 8.57 -6.37 29.37
N LYS B 281 7.54 -6.94 29.98
CA LYS B 281 6.89 -8.17 29.46
C LYS B 281 5.49 -7.75 29.02
N THR B 282 4.97 -8.41 27.97
CA THR B 282 3.60 -8.22 27.42
C THR B 282 2.60 -8.19 28.58
N GLU B 288 7.94 -16.38 27.93
CA GLU B 288 7.82 -16.44 26.45
C GLU B 288 9.20 -16.30 25.80
N TYR B 289 10.16 -15.71 26.50
CA TYR B 289 11.54 -15.53 25.98
C TYR B 289 12.56 -16.12 26.94
N LYS B 290 13.67 -16.56 26.36
CA LYS B 290 14.92 -16.90 27.08
C LYS B 290 15.53 -15.61 27.61
N PRO B 291 16.26 -15.65 28.75
CA PRO B 291 17.00 -14.51 29.30
C PRO B 291 17.82 -13.74 28.26
N PRO B 292 17.90 -12.38 28.34
CA PRO B 292 18.72 -11.55 27.44
C PRO B 292 20.07 -12.17 27.09
N GLY B 293 20.36 -12.38 25.79
CA GLY B 293 21.66 -12.86 25.29
C GLY B 293 21.93 -14.35 25.50
N THR B 294 20.96 -15.17 25.90
CA THR B 294 21.24 -16.61 26.16
C THR B 294 21.02 -17.47 24.90
N ARG B 295 20.36 -16.93 23.86
CA ARG B 295 20.22 -17.65 22.56
C ARG B 295 21.43 -17.28 21.71
N LYS B 296 22.55 -17.97 21.90
CA LYS B 296 23.84 -17.48 21.39
C LYS B 296 23.93 -17.73 19.88
N LEU B 297 24.44 -16.77 19.11
CA LEU B 297 24.60 -16.94 17.64
C LEU B 297 25.59 -18.09 17.40
N HIS B 298 26.52 -18.26 18.34
CA HIS B 298 27.52 -19.35 18.30
C HIS B 298 26.82 -20.72 18.25
N ASN B 299 25.67 -20.91 18.89
CA ASN B 299 24.97 -22.23 18.86
C ASN B 299 23.96 -22.25 17.71
N ILE B 300 23.43 -21.08 17.32
CA ILE B 300 22.46 -20.99 16.19
C ILE B 300 23.20 -21.39 14.92
N LEU B 301 24.48 -21.03 14.80
CA LEU B 301 25.28 -21.38 13.61
C LEU B 301 25.90 -22.76 13.79
N GLY B 302 25.87 -23.32 15.00
CA GLY B 302 26.53 -24.60 15.32
C GLY B 302 28.02 -24.58 14.97
N VAL B 303 28.72 -23.52 15.35
CA VAL B 303 30.18 -23.30 15.09
C VAL B 303 30.98 -24.57 15.41
N GLU B 304 30.75 -25.18 16.59
CA GLU B 304 31.58 -26.29 17.10
C GLU B 304 30.84 -27.62 16.92
N THR B 305 29.59 -27.60 16.49
CA THR B 305 28.74 -28.82 16.45
C THR B 305 28.28 -29.11 15.01
N GLY B 306 29.09 -28.78 14.01
CA GLY B 306 28.85 -29.18 12.61
C GLY B 306 27.80 -28.31 11.90
N GLY B 307 27.80 -26.99 12.10
CA GLY B 307 26.88 -26.07 11.39
C GLY B 307 25.42 -26.20 11.86
N PRO B 308 24.45 -25.57 11.16
CA PRO B 308 23.03 -25.55 11.53
C PRO B 308 22.40 -26.96 11.61
N GLY B 309 21.93 -27.31 12.81
CA GLY B 309 21.31 -28.62 13.09
C GLY B 309 22.28 -29.78 12.85
N GLY B 310 23.60 -29.52 12.89
CA GLY B 310 24.66 -30.51 12.70
C GLY B 310 24.83 -31.01 11.26
N ARG B 311 24.14 -30.42 10.29
CA ARG B 311 23.99 -31.00 8.92
C ARG B 311 25.27 -30.83 8.09
N ARG B 312 26.21 -29.99 8.51
CA ARG B 312 27.48 -29.80 7.79
C ARG B 312 28.61 -30.56 8.47
N ALA B 313 28.33 -31.50 9.38
CA ALA B 313 29.39 -32.23 10.15
C ALA B 313 30.43 -32.83 9.18
N GLY B 314 31.69 -32.46 9.36
CA GLY B 314 32.87 -32.99 8.64
C GLY B 314 33.00 -32.41 7.24
N GLU B 315 31.87 -32.01 6.63
CA GLU B 315 31.70 -31.53 5.23
C GLU B 315 32.75 -30.45 4.94
N SER B 316 33.39 -30.55 3.78
CA SER B 316 34.39 -29.58 3.26
C SER B 316 33.80 -28.15 3.27
N GLY B 317 34.59 -27.16 3.69
CA GLY B 317 34.24 -25.73 3.67
C GLY B 317 33.41 -25.32 4.87
N HIS B 318 33.25 -26.18 5.88
CA HIS B 318 32.37 -25.91 7.04
C HIS B 318 33.16 -26.17 8.32
N THR B 319 34.43 -25.75 8.35
CA THR B 319 35.33 -26.03 9.50
C THR B 319 34.98 -25.08 10.66
N VAL B 320 35.41 -25.44 11.87
CA VAL B 320 35.15 -24.61 13.09
C VAL B 320 35.79 -23.24 12.82
N ALA B 321 37.00 -23.21 12.24
CA ALA B 321 37.74 -21.98 11.90
C ALA B 321 36.91 -21.11 10.96
N ASP B 322 36.24 -21.71 9.97
CA ASP B 322 35.45 -20.95 8.96
C ASP B 322 34.25 -20.34 9.69
N TYR B 323 33.56 -21.14 10.49
CA TYR B 323 32.38 -20.74 11.29
C TYR B 323 32.70 -19.60 12.26
N LEU B 324 33.88 -19.60 12.87
CA LEU B 324 34.26 -18.56 13.86
C LEU B 324 34.39 -17.19 13.18
N LYS B 325 35.01 -17.12 12.00
CA LYS B 325 35.17 -15.86 11.23
C LYS B 325 33.79 -15.38 10.81
N PHE B 326 32.94 -16.27 10.32
CA PHE B 326 31.57 -15.95 9.85
C PHE B 326 30.74 -15.40 11.02
N LYS B 327 30.77 -16.05 12.19
CA LYS B 327 30.06 -15.58 13.39
C LYS B 327 30.60 -14.20 13.77
N ASP B 328 31.91 -14.02 13.76
CA ASP B 328 32.55 -12.74 14.20
C ASP B 328 32.16 -11.63 13.20
N LEU B 329 32.13 -11.90 11.90
CA LEU B 329 31.67 -10.88 10.94
C LEU B 329 30.18 -10.58 11.22
N ILE B 330 29.34 -11.58 11.42
CA ILE B 330 27.89 -11.35 11.63
C ILE B 330 27.67 -10.49 12.88
N LEU B 331 28.35 -10.75 13.99
CA LEU B 331 28.14 -9.97 15.24
C LEU B 331 28.58 -8.52 15.06
N ARG B 332 29.59 -8.25 14.23
CA ARG B 332 30.03 -6.87 13.90
C ARG B 332 28.91 -6.20 13.10
N MET B 333 28.17 -6.95 12.30
CA MET B 333 27.07 -6.39 11.48
C MET B 333 25.83 -6.19 12.36
N LEU B 334 25.71 -6.90 13.48
CA LEU B 334 24.54 -6.76 14.39
C LEU B 334 24.93 -6.01 15.67
N ASP B 335 25.92 -5.16 15.60
CA ASP B 335 26.27 -4.21 16.68
C ASP B 335 25.06 -3.31 16.92
N TYR B 336 24.67 -3.13 18.19
CA TYR B 336 23.54 -2.22 18.56
C TYR B 336 23.86 -0.77 18.17
N ASP B 337 25.12 -0.32 18.35
CA ASP B 337 25.58 1.06 18.03
C ASP B 337 25.80 1.19 16.52
N PRO B 338 25.02 2.05 15.81
CA PRO B 338 25.20 2.31 14.37
C PRO B 338 26.51 3.02 14.07
N LYS B 339 27.04 3.76 15.04
CA LYS B 339 28.36 4.42 14.92
C LYS B 339 29.49 3.39 14.91
N THR B 340 29.39 2.28 15.66
CA THR B 340 30.50 1.29 15.76
C THR B 340 30.21 0.06 14.89
N ARG B 341 29.00 -0.08 14.35
CA ARG B 341 28.62 -1.18 13.45
C ARG B 341 29.58 -1.19 12.26
N ILE B 342 30.05 -2.37 11.87
CA ILE B 342 30.99 -2.53 10.72
C ILE B 342 30.38 -1.88 9.46
N GLN B 343 31.21 -1.19 8.69
CA GLN B 343 30.82 -0.49 7.42
C GLN B 343 31.33 -1.33 6.25
N PRO B 344 30.76 -1.18 5.03
CA PRO B 344 31.08 -1.99 3.85
C PRO B 344 32.59 -2.16 3.58
N TYR B 345 33.35 -1.06 3.64
CA TYR B 345 34.80 -1.10 3.36
C TYR B 345 35.51 -2.04 4.35
N TYR B 346 35.24 -1.93 5.65
CA TYR B 346 35.92 -2.73 6.70
C TYR B 346 35.42 -4.18 6.68
N ALA B 347 34.14 -4.41 6.35
CA ALA B 347 33.55 -5.76 6.26
C ALA B 347 34.22 -6.54 5.12
N LEU B 348 34.58 -5.85 4.02
CA LEU B 348 35.23 -6.52 2.85
C LEU B 348 36.68 -6.85 3.20
N GLN B 349 37.26 -6.25 4.23
CA GLN B 349 38.66 -6.55 4.66
C GLN B 349 38.68 -7.69 5.68
N HIS B 350 37.51 -8.16 6.12
CA HIS B 350 37.40 -9.17 7.20
C HIS B 350 37.99 -10.50 6.72
N SER B 351 38.60 -11.23 7.65
CA SER B 351 39.29 -12.52 7.42
C SER B 351 38.31 -13.54 6.83
N PHE B 352 37.01 -13.39 7.10
CA PHE B 352 35.97 -14.27 6.51
C PHE B 352 36.04 -14.25 4.98
N PHE B 353 36.63 -13.23 4.34
CA PHE B 353 36.67 -13.14 2.86
C PHE B 353 38.09 -13.45 2.35
N LYS B 354 39.05 -13.70 3.23
CA LYS B 354 40.48 -13.79 2.78
C LYS B 354 40.65 -14.98 1.84
N LYS B 355 41.49 -14.82 0.82
CA LYS B 355 41.84 -15.88 -0.18
C LYS B 355 43.20 -16.50 0.19
C1 RK8 C . -18.79 -7.62 -2.16
N1 RK8 C . -18.20 -8.54 0.90
O1 RK8 C . -16.56 -6.83 -1.83
C2 RK8 C . -17.72 -7.29 -1.14
N2 RK8 C . -19.98 -9.01 2.13
C3 RK8 C . -17.33 -8.45 -0.26
N3 RK8 C . -17.20 -6.80 2.24
C4 RK8 C . -19.36 -9.25 1.00
N4 RK8 C . -13.26 -3.65 2.42
C5 RK8 C . -19.78 -10.23 -0.03
N5 RK8 C . -14.49 -3.07 4.30
C6 RK8 C . -19.23 -8.01 2.75
N6 RK8 C . -15.75 -2.48 6.16
C7 RK8 C . -19.37 -7.32 3.94
N7 RK8 C . -14.55 -6.14 -1.43
C8 RK8 C . -18.43 -6.40 4.27
C9 RK8 C . -17.33 -6.15 3.41
C10 RK8 C . -18.13 -7.69 1.96
C11 RK8 C . -16.32 -5.12 3.72
C12 RK8 C . -15.23 -4.90 2.89
C13 RK8 C . -14.32 -3.87 3.21
C14 RK8 C . -15.57 -3.27 5.08
C15 RK8 C . -16.51 -4.29 4.81
C16 RK8 C . -15.83 -5.83 -1.32
C17 RK8 C . -16.25 -4.60 -0.82
C18 RK8 C . -15.28 -3.71 -0.41
C19 RK8 C . -13.94 -4.03 -0.53
C20 RK8 C . -13.65 -5.27 -1.05
BR1 RK8 C . -11.87 -5.86 -1.31
C1 RK8 D . 10.60 -12.48 -9.00
N1 RK8 D . 12.02 -10.20 -11.71
O1 RK8 D . 12.04 -10.51 -8.86
C2 RK8 D . 11.52 -11.55 -9.73
N2 RK8 D . 13.71 -10.11 -13.13
C3 RK8 D . 10.95 -10.76 -10.89
N3 RK8 D . 12.11 -7.93 -10.83
C4 RK8 D . 12.78 -10.88 -12.61
N4 RK8 D . 9.96 -4.91 -7.38
C5 RK8 D . 12.55 -12.29 -12.94
N5 RK8 D . 11.66 -3.64 -8.20
C6 RK8 D . 13.56 -8.87 -12.51
N6 RK8 D . 13.38 -2.31 -8.98
C7 RK8 D . 14.23 -7.68 -12.64
N7 RK8 D . 9.92 -9.67 -8.16
C8 RK8 D . 13.84 -6.63 -11.86
C9 RK8 D . 12.75 -6.74 -10.97
C10 RK8 D . 12.52 -8.93 -11.59
C11 RK8 D . 12.34 -5.65 -10.06
C12 RK8 D . 11.30 -5.82 -9.15
C13 RK8 D . 10.98 -4.79 -8.25
C14 RK8 D . 12.70 -3.47 -9.05
C15 RK8 D . 13.07 -4.46 -9.98
C16 RK8 D . 11.25 -9.72 -8.12
C17 RK8 D . 11.99 -8.91 -7.27
C18 RK8 D . 11.35 -8.04 -6.45
C19 RK8 D . 9.97 -7.96 -6.46
C20 RK8 D . 9.32 -8.79 -7.34
BR1 RK8 D . 7.43 -8.73 -7.40
CL CL E . 4.10 -3.95 18.75
#